data_8EIG
#
_entry.id   8EIG
#
_cell.length_a   1.00
_cell.length_b   1.00
_cell.length_c   1.00
_cell.angle_alpha   90.00
_cell.angle_beta   90.00
_cell.angle_gamma   90.00
#
_symmetry.space_group_name_H-M   'P 1'
#
loop_
_entity.id
_entity.type
_entity.pdbx_description
1 polymer 'Cystic fibrosis transmembrane conductance regulator'
2 non-polymer 'MAGNESIUM ION'
3 non-polymer "ADENOSINE-5'-TRIPHOSPHATE"
4 non-polymer CHOLESTEROL
5 non-polymer (6P)-N-(1,3-dimethyl-1H-pyrazole-4-sulfonyl)-6-[3-(3,3,3-trifluoro-2,2-dimethylpropoxy)-1H-pyrazol-1-yl]-2-[(4S)-2,2,4-trimethylpyrrolidin-1-yl]pyridine-3-carboxamide
#
_entity_poly.entity_id   1
_entity_poly.type   'polypeptide(L)'
_entity_poly.pdbx_seq_one_letter_code
;MQRSPLEKASVVSKLFFSWTRPILRKGYRQRLELSDIYQIPSVDSADNLSEKLEREWDRELASKKNPKLINALRRCFFWR
FMFYGIFLYLGEVTKAVQPLLLGRIIASYDPDNKEERSIAIYLGIGLCLLFIVRTLLLHPAIFGLHHIGMQMRIAMFSLI
YKKTLKLSSRVLDKISIGQLVSLLSNNLNKFDEGLALAHFVWIAPLQVALLMGLIWELLQASAFCGLGFLIVLALFQAGL
GRMMMKYRDQRAGKISERLVITSEMIENIQSVKAYCWEEAMEKMIENLRQTELKLTRKAAYVRYFNSSAFFFSGFFVVFL
SVLPYALIKGIILRKIFTTISFCIVLRMAVTRQFPWAVQTWYDSLGAINKIQDFLQKQEYKTLEYNLTTTEVVMENVTAF
WEEGFGELFEKAKQNNNNRKTSNGDDSLFFSNFSLLGTPVLKDINFKIERGQLLAVAGSTGAGKTSLLMVIMGELEPSEG
KIKHSGRISFCSQFSWIMPGTIKENIIGVSYDEYRYRSVIKACQLEEDISKFAEKDNIVLGEGGITLSGGQRARISLARA
VYKDADLYLLDSPFGYLDVLTEKEIFESCVCKLMANKTRILVTSKMEHLKKADKILILHEGSSYFYGTFSELQNLQPDFS
SKLMGCDSFDQFSAERRNSILTETLHRFSLEGDAPVSWTETKKQSFKQTGEFGEKRKNSILNPINSIRKFSIVQKTPLQM
NGIEEDSDEPLERRLSLVPDSEQGEAILPRISVISTGPTLQARRRQSVLNLMTHSVNQGQNIHRKTTASTRKVSLAPQAN
LTELDIYSRRLSQETGLEISEEINEEDLKECFFDDMESIPAVTTWNTYLRYITVHKSLIFVLIWCLVIFLAEVAASLVVL
WLLGNTPLQDKGNSTHSRNNSYAVIITSTSSYYVFYIYVGVADTLLAMGFFRGLPLVHTLITVSKILHHKMLHSVLQAPM
STLNTLKAGGILNRFSKDIAILDDLLPLTIFDFIQLLLIVIGAIAVVAVLQPYIFVATVPVIVAFIMLRAYFLQTSQQLK
QLESEGRSPIFTHLVTSLKGLWTLRAFGRQPYFETLFHKALNLHTANWFLYLSTLRWFQMRIEMIFVIFFIAVTFISILT
TGEGEGRVGIILTLAMNIMSTLQWAVNSSIDVDSLMRSVSRVFKFIDMPTEGKPTKSTKPYKNGQLSKVMIIENSHVKKD
DIWPSGGQMTVKDLTAKYTEGGNAILENISFSISPGQRVGLLGRTGSGKSTLLSAFLRLLNTEGEIQIDGVSWDSITLQQ
WRKAFGVIPQKVFIFSGTFRKNLDPYEQWSDQEIWKVADEVGLRSVIEQFPGKLDFVLVDGGCVLSHGHKQLMCLARSVL
SKAKILLLDQPSAHLDPVTYQIIRRTLKQAFADCTVILCEHRIEAMLECQQFLVIEENKVRQYDSIQKLLNERSLFRQAI
SPSDRVKLFPHRNSSKCKSKPQIAALKEETEEEVQDTRL
;
_entity_poly.pdbx_strand_id   A
#
loop_
_chem_comp.id
_chem_comp.type
_chem_comp.name
_chem_comp.formula
ATP non-polymer ADENOSINE-5'-TRIPHOSPHATE 'C10 H16 N5 O13 P3'
CLR non-polymer CHOLESTEROL 'C27 H46 O'
MG non-polymer 'MAGNESIUM ION' 'Mg 2'
WJX non-polymer (6P)-N-(1,3-dimethyl-1H-pyrazole-4-sulfonyl)-6-[3-(3,3,3-trifluoro-2,2-dimethylpropoxy)-1H-pyrazol-1-yl]-2-[(4S)-2,2,4-trimethylpyrrolidin-1-yl]pyridine-3-carboxamide 'C26 H34 F3 N7 O4 S'
#
# COMPACT_ATOMS: atom_id res chain seq x y z
N ARG A 3 18.89 -13.99 -24.40
CA ARG A 3 19.29 -12.80 -23.67
C ARG A 3 19.20 -13.00 -22.16
N SER A 4 18.08 -13.51 -21.68
CA SER A 4 17.88 -13.71 -20.26
C SER A 4 18.93 -14.68 -19.74
N PRO A 5 19.73 -14.29 -18.74
CA PRO A 5 20.83 -15.17 -18.31
C PRO A 5 20.37 -16.50 -17.75
N LEU A 6 19.16 -16.57 -17.20
CA LEU A 6 18.66 -17.83 -16.66
C LEU A 6 18.52 -18.86 -17.77
N GLU A 7 17.95 -18.45 -18.90
CA GLU A 7 17.72 -19.40 -20.00
C GLU A 7 19.01 -19.71 -20.74
N LYS A 8 19.99 -18.80 -20.70
CA LYS A 8 21.27 -19.04 -21.34
C LYS A 8 22.21 -19.88 -20.49
N ALA A 9 21.83 -20.19 -19.26
CA ALA A 9 22.68 -20.94 -18.34
C ALA A 9 22.65 -22.43 -18.64
N SER A 10 23.78 -23.08 -18.40
CA SER A 10 23.90 -24.52 -18.54
C SER A 10 23.16 -25.23 -17.40
N VAL A 11 23.07 -26.56 -17.52
CA VAL A 11 22.33 -27.34 -16.53
C VAL A 11 23.02 -27.30 -15.17
N VAL A 12 24.34 -27.50 -15.15
CA VAL A 12 25.06 -27.59 -13.88
C VAL A 12 25.07 -26.24 -13.17
N SER A 13 25.23 -25.14 -13.93
CA SER A 13 25.22 -23.82 -13.30
C SER A 13 23.84 -23.43 -12.81
N LYS A 14 22.79 -23.85 -13.53
CA LYS A 14 21.44 -23.52 -13.12
C LYS A 14 21.05 -24.22 -11.82
N LEU A 15 21.65 -25.36 -11.55
CA LEU A 15 21.34 -26.09 -10.32
C LEU A 15 21.84 -25.35 -9.08
N PHE A 16 23.02 -24.73 -9.17
CA PHE A 16 23.64 -24.06 -8.03
C PHE A 16 23.36 -22.57 -7.98
N PHE A 17 22.57 -22.04 -8.92
CA PHE A 17 22.28 -20.60 -9.01
C PHE A 17 23.56 -19.79 -9.24
N SER A 18 24.49 -20.34 -10.03
CA SER A 18 25.76 -19.67 -10.29
C SER A 18 25.61 -18.44 -11.17
N TRP A 19 24.51 -18.33 -11.93
CA TRP A 19 24.34 -17.21 -12.84
C TRP A 19 24.09 -15.89 -12.11
N THR A 20 23.92 -15.91 -10.79
CA THR A 20 23.79 -14.69 -10.00
C THR A 20 25.14 -14.09 -9.63
N ARG A 21 26.25 -14.69 -10.09
CA ARG A 21 27.57 -14.15 -9.79
C ARG A 21 27.78 -12.73 -10.30
N PRO A 22 27.45 -12.38 -11.55
CA PRO A 22 27.81 -11.03 -12.02
C PRO A 22 27.20 -9.91 -11.20
N ILE A 23 25.93 -10.04 -10.81
CA ILE A 23 25.28 -8.94 -10.10
C ILE A 23 25.84 -8.80 -8.69
N LEU A 24 26.19 -9.92 -8.05
CA LEU A 24 26.72 -9.86 -6.69
C LEU A 24 28.06 -9.14 -6.65
N ARG A 25 28.92 -9.40 -7.62
CA ARG A 25 30.20 -8.68 -7.68
C ARG A 25 29.99 -7.24 -8.11
N LYS A 26 29.09 -7.01 -9.07
CA LYS A 26 28.85 -5.64 -9.55
C LYS A 26 28.25 -4.78 -8.44
N GLY A 27 27.31 -5.31 -7.68
CA GLY A 27 26.65 -4.53 -6.64
C GLY A 27 27.40 -4.45 -5.33
N TYR A 28 28.50 -5.18 -5.19
CA TYR A 28 29.27 -5.15 -3.95
C TYR A 28 30.12 -3.89 -3.83
N ARG A 29 30.62 -3.36 -4.95
CA ARG A 29 31.55 -2.25 -4.92
C ARG A 29 31.01 -0.97 -5.55
N GLN A 30 29.77 -0.95 -6.02
CA GLN A 30 29.16 0.27 -6.52
C GLN A 30 27.65 0.19 -6.36
N ARG A 31 26.99 1.32 -6.54
CA ARG A 31 25.53 1.36 -6.47
C ARG A 31 24.92 0.92 -7.79
N LEU A 32 23.89 0.08 -7.70
CA LEU A 32 23.23 -0.46 -8.87
C LEU A 32 22.19 0.50 -9.41
N GLU A 33 21.81 0.29 -10.67
CA GLU A 33 20.75 1.08 -11.30
C GLU A 33 20.10 0.23 -12.39
N LEU A 34 19.17 0.83 -13.12
CA LEU A 34 18.44 0.13 -14.17
C LEU A 34 19.27 0.07 -15.45
N SER A 35 20.50 -0.43 -15.36
CA SER A 35 21.36 -0.56 -16.51
C SER A 35 21.86 -1.99 -16.62
N ASP A 36 21.90 -2.68 -15.48
CA ASP A 36 22.29 -4.08 -15.44
C ASP A 36 21.19 -4.98 -14.88
N ILE A 37 20.00 -4.45 -14.63
CA ILE A 37 18.85 -5.25 -14.23
C ILE A 37 18.42 -6.10 -15.42
N TYR A 38 18.58 -7.42 -15.31
CA TYR A 38 18.41 -8.30 -16.45
C TYR A 38 16.97 -8.34 -16.93
N GLN A 39 16.81 -8.53 -18.24
CA GLN A 39 15.49 -8.67 -18.84
C GLN A 39 14.76 -9.87 -18.25
N ILE A 40 13.45 -9.74 -18.07
CA ILE A 40 12.66 -10.82 -17.48
C ILE A 40 12.67 -12.02 -18.41
N PRO A 41 12.58 -13.25 -17.89
CA PRO A 41 12.42 -14.42 -18.77
C PRO A 41 11.13 -14.33 -19.59
N SER A 42 11.14 -14.99 -20.74
CA SER A 42 9.96 -15.02 -21.59
C SER A 42 8.80 -15.80 -20.97
N VAL A 43 9.10 -16.68 -20.02
CA VAL A 43 8.06 -17.53 -19.45
C VAL A 43 7.06 -16.71 -18.66
N ASP A 44 7.52 -15.72 -17.91
CA ASP A 44 6.67 -15.00 -16.96
C ASP A 44 6.33 -13.59 -17.40
N SER A 45 6.44 -13.27 -18.68
CA SER A 45 5.96 -12.00 -19.18
C SER A 45 4.46 -11.89 -19.01
N ALA A 46 3.98 -10.67 -18.74
CA ALA A 46 2.58 -10.48 -18.41
C ALA A 46 1.66 -10.92 -19.54
N ASP A 47 2.07 -10.70 -20.79
CA ASP A 47 1.25 -11.08 -21.92
C ASP A 47 1.01 -12.59 -21.97
N ASN A 48 2.09 -13.37 -21.86
CA ASN A 48 1.96 -14.81 -21.99
C ASN A 48 1.16 -15.41 -20.85
N LEU A 49 1.38 -14.93 -19.63
CA LEU A 49 0.65 -15.49 -18.49
C LEU A 49 -0.83 -15.15 -18.56
N SER A 50 -1.16 -13.90 -18.88
CA SER A 50 -2.56 -13.49 -18.90
C SER A 50 -3.31 -14.17 -20.04
N GLU A 51 -2.69 -14.31 -21.20
CA GLU A 51 -3.34 -14.96 -22.33
C GLU A 51 -3.63 -16.42 -22.02
N LYS A 52 -2.69 -17.11 -21.38
CA LYS A 52 -2.91 -18.53 -21.06
C LYS A 52 -4.04 -18.70 -20.05
N LEU A 53 -3.99 -17.95 -18.94
CA LEU A 53 -4.97 -18.17 -17.88
C LEU A 53 -6.38 -17.82 -18.36
N GLU A 54 -6.54 -16.67 -19.02
CA GLU A 54 -7.87 -16.26 -19.47
C GLU A 54 -8.44 -17.25 -20.47
N ARG A 55 -7.58 -17.93 -21.24
CA ARG A 55 -8.05 -18.95 -22.15
C ARG A 55 -8.65 -20.15 -21.43
N GLU A 56 -8.24 -20.40 -20.18
CA GLU A 56 -8.79 -21.50 -19.40
C GLU A 56 -9.98 -21.06 -18.55
N TRP A 57 -9.94 -19.84 -18.04
CA TRP A 57 -11.01 -19.35 -17.17
C TRP A 57 -12.31 -19.15 -17.95
N ASP A 58 -12.23 -18.55 -19.13
CA ASP A 58 -13.45 -18.30 -19.90
C ASP A 58 -14.13 -19.59 -20.30
N ARG A 59 -13.38 -20.68 -20.45
CA ARG A 59 -13.99 -21.98 -20.69
C ARG A 59 -14.76 -22.46 -19.47
N GLU A 60 -14.20 -22.24 -18.28
CA GLU A 60 -14.79 -22.78 -17.07
C GLU A 60 -16.15 -22.15 -16.78
N LEU A 61 -16.38 -20.92 -17.20
CA LEU A 61 -17.65 -20.25 -16.96
C LEU A 61 -18.64 -20.43 -18.11
N ALA A 62 -18.24 -21.08 -19.19
CA ALA A 62 -19.09 -21.30 -20.35
C ALA A 62 -19.35 -22.76 -20.65
N SER A 63 -18.38 -23.63 -20.41
CA SER A 63 -18.55 -25.06 -20.69
C SER A 63 -19.08 -25.83 -19.49
N LYS A 64 -18.60 -25.53 -18.30
CA LYS A 64 -19.04 -26.24 -17.10
C LYS A 64 -20.24 -25.54 -16.46
N LYS A 65 -20.87 -26.26 -15.53
CA LYS A 65 -22.05 -25.73 -14.86
C LYS A 65 -21.69 -24.57 -13.95
N ASN A 66 -20.75 -24.80 -13.02
CA ASN A 66 -20.45 -23.84 -11.97
C ASN A 66 -19.12 -23.16 -12.24
N PRO A 67 -19.11 -21.84 -12.41
CA PRO A 67 -17.83 -21.14 -12.64
C PRO A 67 -16.97 -21.04 -11.38
N LYS A 68 -15.80 -21.68 -11.39
CA LYS A 68 -14.88 -21.63 -10.27
CA LYS A 68 -14.88 -21.63 -10.27
C LYS A 68 -13.49 -21.32 -10.78
N LEU A 69 -12.85 -20.31 -10.20
CA LEU A 69 -11.51 -19.93 -10.62
C LEU A 69 -10.47 -20.99 -10.25
N ILE A 70 -10.69 -21.69 -9.13
CA ILE A 70 -9.73 -22.69 -8.67
C ILE A 70 -9.59 -23.82 -9.68
N ASN A 71 -10.65 -24.13 -10.43
CA ASN A 71 -10.57 -25.16 -11.45
C ASN A 71 -9.65 -24.76 -12.58
N ALA A 72 -9.80 -23.53 -13.10
CA ALA A 72 -8.96 -23.09 -14.19
C ALA A 72 -7.51 -22.96 -13.78
N LEU A 73 -7.25 -22.60 -12.52
CA LEU A 73 -5.87 -22.45 -12.05
C LEU A 73 -5.12 -23.76 -12.11
N ARG A 74 -5.79 -24.88 -11.82
CA ARG A 74 -5.11 -26.17 -11.84
C ARG A 74 -4.91 -26.71 -13.25
N ARG A 75 -5.63 -26.18 -14.25
CA ARG A 75 -5.33 -26.55 -15.63
C ARG A 75 -4.06 -25.90 -16.15
N CYS A 76 -3.48 -24.94 -15.42
CA CYS A 76 -2.27 -24.24 -15.83
C CYS A 76 -1.06 -24.56 -14.97
N PHE A 77 -1.23 -24.76 -13.66
CA PHE A 77 -0.08 -24.84 -12.75
C PHE A 77 -0.12 -26.06 -11.83
N PHE A 78 -0.88 -27.11 -12.18
CA PHE A 78 -0.95 -28.24 -11.26
C PHE A 78 0.21 -29.21 -11.44
N TRP A 79 0.41 -29.71 -12.67
CA TRP A 79 1.41 -30.76 -12.87
C TRP A 79 2.83 -30.24 -12.73
N ARG A 80 3.03 -28.94 -12.77
CA ARG A 80 4.32 -28.37 -12.39
C ARG A 80 4.41 -28.18 -10.88
N PHE A 81 3.27 -28.01 -10.22
CA PHE A 81 3.22 -27.92 -8.76
C PHE A 81 3.56 -29.26 -8.11
N MET A 82 2.98 -30.35 -8.63
CA MET A 82 3.28 -31.67 -8.08
C MET A 82 4.67 -32.15 -8.44
N PHE A 83 5.19 -31.73 -9.60
CA PHE A 83 6.53 -32.13 -10.00
C PHE A 83 7.59 -31.65 -9.01
N TYR A 84 7.36 -30.50 -8.39
CA TYR A 84 8.27 -30.00 -7.36
C TYR A 84 7.92 -30.51 -5.96
N GLY A 85 6.76 -31.14 -5.79
CA GLY A 85 6.39 -31.68 -4.50
C GLY A 85 7.08 -32.99 -4.18
N ILE A 86 7.32 -33.80 -5.20
CA ILE A 86 7.97 -35.09 -4.99
C ILE A 86 9.42 -34.88 -4.53
N PHE A 87 10.13 -33.94 -5.15
CA PHE A 87 11.50 -33.66 -4.74
C PHE A 87 11.54 -33.01 -3.36
N LEU A 88 10.55 -32.20 -3.03
CA LEU A 88 10.48 -31.63 -1.69
C LEU A 88 10.28 -32.71 -0.65
N TYR A 89 9.45 -33.72 -0.96
CA TYR A 89 9.23 -34.83 -0.03
C TYR A 89 10.47 -35.69 0.11
N LEU A 90 11.13 -36.01 -1.00
CA LEU A 90 12.31 -36.87 -0.94
C LEU A 90 13.45 -36.20 -0.16
N GLY A 91 13.51 -34.87 -0.18
CA GLY A 91 14.52 -34.19 0.61
C GLY A 91 14.25 -34.19 2.09
N GLU A 92 12.97 -34.21 2.48
CA GLU A 92 12.64 -34.25 3.90
C GLU A 92 12.84 -35.65 4.48
N VAL A 93 12.56 -36.68 3.69
CA VAL A 93 12.80 -38.04 4.15
C VAL A 93 14.27 -38.26 4.47
N THR A 94 15.16 -37.63 3.68
CA THR A 94 16.59 -37.73 3.94
C THR A 94 16.95 -37.18 5.31
N LYS A 95 16.23 -36.16 5.76
CA LYS A 95 16.49 -35.60 7.08
C LYS A 95 15.98 -36.51 8.20
N ALA A 96 14.96 -37.32 7.93
CA ALA A 96 14.41 -38.18 8.98
C ALA A 96 15.30 -39.37 9.27
N VAL A 97 16.07 -39.84 8.28
CA VAL A 97 16.88 -41.05 8.44
C VAL A 97 18.32 -40.74 8.82
N GLN A 98 18.67 -39.47 8.98
CA GLN A 98 20.03 -39.12 9.41
C GLN A 98 20.43 -39.70 10.77
N PRO A 99 19.58 -39.71 11.80
CA PRO A 99 20.04 -40.24 13.11
C PRO A 99 20.48 -41.69 13.08
N LEU A 100 20.07 -42.47 12.07
CA LEU A 100 20.59 -43.83 11.96
C LEU A 100 22.09 -43.83 11.62
N LEU A 101 22.48 -43.01 10.64
CA LEU A 101 23.90 -42.96 10.26
C LEU A 101 24.72 -42.16 11.26
N LEU A 102 24.16 -41.06 11.79
CA LEU A 102 24.94 -40.23 12.71
C LEU A 102 25.01 -40.85 14.10
N GLY A 103 23.95 -41.53 14.52
CA GLY A 103 23.95 -42.08 15.86
C GLY A 103 24.97 -43.18 16.07
N ARG A 104 25.19 -44.01 15.04
CA ARG A 104 26.19 -45.07 15.17
C ARG A 104 27.60 -44.50 15.20
N ILE A 105 27.86 -43.42 14.47
CA ILE A 105 29.18 -42.80 14.48
C ILE A 105 29.50 -42.25 15.86
N ILE A 106 28.52 -41.63 16.51
CA ILE A 106 28.74 -41.09 17.84
C ILE A 106 28.98 -42.21 18.84
N ALA A 107 28.27 -43.33 18.70
CA ALA A 107 28.50 -44.47 19.57
C ALA A 107 29.85 -45.14 19.29
N SER A 108 30.41 -44.92 18.10
CA SER A 108 31.67 -45.58 17.75
C SER A 108 32.85 -45.09 18.58
N TYR A 109 32.69 -43.99 19.34
CA TYR A 109 33.77 -43.52 20.18
C TYR A 109 33.91 -44.35 21.45
N ASP A 110 32.87 -45.08 21.81
CA ASP A 110 32.91 -45.93 22.99
C ASP A 110 33.69 -47.21 22.70
N PRO A 111 34.75 -47.51 23.45
CA PRO A 111 35.48 -48.77 23.21
C PRO A 111 34.67 -50.02 23.53
N ASP A 112 33.56 -49.91 24.25
CA ASP A 112 32.76 -51.08 24.60
C ASP A 112 31.93 -51.60 23.42
N ASN A 113 31.88 -50.88 22.30
CA ASN A 113 31.13 -51.31 21.14
C ASN A 113 32.06 -52.06 20.18
N LYS A 114 31.49 -53.03 19.48
CA LYS A 114 32.21 -53.81 18.48
C LYS A 114 31.72 -53.60 17.06
N GLU A 115 30.40 -53.61 16.84
CA GLU A 115 29.88 -53.53 15.48
C GLU A 115 30.18 -52.18 14.86
N GLU A 116 29.96 -51.10 15.62
CA GLU A 116 30.22 -49.76 15.11
C GLU A 116 31.70 -49.54 14.83
N ARG A 117 32.57 -50.08 15.67
CA ARG A 117 34.01 -49.98 15.40
C ARG A 117 34.37 -50.72 14.12
N SER A 118 33.77 -51.89 13.89
CA SER A 118 34.12 -52.68 12.73
C SER A 118 33.79 -51.95 11.43
N ILE A 119 32.66 -51.23 11.41
CA ILE A 119 32.26 -50.52 10.20
C ILE A 119 31.89 -49.08 10.53
N ALA A 120 32.86 -48.18 10.37
CA ALA A 120 32.62 -46.75 10.54
C ALA A 120 32.95 -45.95 9.29
N ILE A 121 33.96 -46.39 8.52
CA ILE A 121 34.30 -45.71 7.26
C ILE A 121 33.12 -45.77 6.29
N TYR A 122 32.43 -46.91 6.24
CA TYR A 122 31.27 -47.02 5.38
C TYR A 122 30.15 -46.09 5.82
N LEU A 123 29.99 -45.90 7.13
CA LEU A 123 29.00 -44.95 7.63
C LEU A 123 29.39 -43.52 7.30
N GLY A 124 30.69 -43.22 7.37
CA GLY A 124 31.15 -41.87 7.08
C GLY A 124 30.96 -41.50 5.62
N ILE A 125 31.25 -42.42 4.71
CA ILE A 125 31.04 -42.17 3.29
C ILE A 125 29.54 -42.02 3.00
N GLY A 126 28.72 -42.88 3.58
CA GLY A 126 27.29 -42.79 3.33
C GLY A 126 26.69 -41.53 3.91
N LEU A 127 27.16 -41.10 5.08
CA LEU A 127 26.64 -39.87 5.68
C LEU A 127 27.01 -38.65 4.83
N CYS A 128 28.22 -38.64 4.27
CA CYS A 128 28.62 -37.53 3.42
C CYS A 128 27.74 -37.43 2.17
N LEU A 129 27.47 -38.57 1.54
CA LEU A 129 26.55 -38.58 0.40
C LEU A 129 25.16 -38.13 0.81
N LEU A 130 24.75 -38.48 2.03
CA LEU A 130 23.43 -38.08 2.51
C LEU A 130 23.32 -36.55 2.63
N PHE A 131 24.42 -35.89 3.02
CA PHE A 131 24.41 -34.43 3.08
C PHE A 131 24.35 -33.81 1.69
N ILE A 132 25.19 -34.29 0.78
CA ILE A 132 25.28 -33.69 -0.55
C ILE A 132 23.97 -33.82 -1.30
N VAL A 133 23.34 -35.00 -1.24
CA VAL A 133 22.08 -35.22 -1.96
C VAL A 133 21.00 -34.28 -1.43
N ARG A 134 20.91 -34.13 -0.11
CA ARG A 134 19.87 -33.29 0.47
C ARG A 134 20.09 -31.82 0.13
N THR A 135 21.35 -31.38 0.04
CA THR A 135 21.63 -29.99 -0.30
C THR A 135 21.11 -29.64 -1.68
N LEU A 136 21.26 -30.56 -2.64
CA LEU A 136 20.92 -30.32 -4.03
C LEU A 136 19.54 -30.84 -4.40
N LEU A 137 18.64 -30.98 -3.42
CA LEU A 137 17.34 -31.56 -3.68
C LEU A 137 16.22 -30.69 -3.12
N LEU A 138 16.52 -29.92 -2.07
CA LEU A 138 15.53 -29.07 -1.43
C LEU A 138 15.48 -27.68 -2.06
N HIS A 139 16.64 -27.03 -2.21
CA HIS A 139 16.67 -25.64 -2.67
C HIS A 139 16.11 -25.44 -4.07
N PRO A 140 16.43 -26.27 -5.08
CA PRO A 140 15.73 -26.10 -6.36
C PRO A 140 14.23 -26.29 -6.25
N ALA A 141 13.78 -27.22 -5.41
CA ALA A 141 12.34 -27.45 -5.29
C ALA A 141 11.64 -26.28 -4.63
N ILE A 142 12.23 -25.72 -3.59
CA ILE A 142 11.63 -24.57 -2.91
C ILE A 142 11.61 -23.36 -3.84
N PHE A 143 12.70 -23.14 -4.57
CA PHE A 143 12.73 -22.02 -5.52
C PHE A 143 11.71 -22.22 -6.63
N GLY A 144 11.49 -23.45 -7.08
CA GLY A 144 10.48 -23.69 -8.10
C GLY A 144 9.09 -23.30 -7.64
N LEU A 145 8.74 -23.62 -6.40
CA LEU A 145 7.43 -23.24 -5.88
C LEU A 145 7.29 -21.73 -5.75
N HIS A 146 8.37 -21.03 -5.40
CA HIS A 146 8.33 -19.57 -5.40
C HIS A 146 8.11 -19.04 -6.82
N HIS A 147 8.73 -19.67 -7.81
CA HIS A 147 8.58 -19.20 -9.19
C HIS A 147 7.15 -19.34 -9.67
N ILE A 148 6.48 -20.45 -9.31
CA ILE A 148 5.08 -20.63 -9.71
C ILE A 148 4.18 -19.67 -8.97
N GLY A 149 4.46 -19.40 -7.69
CA GLY A 149 3.65 -18.45 -6.96
C GLY A 149 3.74 -17.05 -7.53
N MET A 150 4.88 -16.69 -8.10
CA MET A 150 5.00 -15.41 -8.78
C MET A 150 4.10 -15.36 -10.01
N GLN A 151 4.08 -16.44 -10.79
CA GLN A 151 3.28 -16.47 -12.01
C GLN A 151 1.79 -16.39 -11.69
N MET A 152 1.35 -17.07 -10.64
CA MET A 152 -0.06 -16.98 -10.24
C MET A 152 -0.43 -15.54 -9.88
N ARG A 153 0.44 -14.87 -9.12
CA ARG A 153 0.17 -13.49 -8.71
C ARG A 153 0.07 -12.57 -9.93
N ILE A 154 0.97 -12.71 -10.89
CA ILE A 154 0.95 -11.87 -12.08
C ILE A 154 -0.26 -12.20 -12.94
N ALA A 155 -0.55 -13.48 -13.14
CA ALA A 155 -1.65 -13.86 -14.02
C ALA A 155 -2.98 -13.34 -13.48
N MET A 156 -3.17 -13.37 -12.16
CA MET A 156 -4.43 -12.92 -11.59
C MET A 156 -4.54 -11.39 -11.56
N PHE A 157 -3.43 -10.69 -11.34
CA PHE A 157 -3.49 -9.23 -11.34
C PHE A 157 -3.80 -8.68 -12.71
N SER A 158 -3.20 -9.26 -13.75
CA SER A 158 -3.50 -8.84 -15.11
C SER A 158 -4.93 -9.19 -15.51
N LEU A 159 -5.44 -10.32 -15.02
CA LEU A 159 -6.81 -10.69 -15.31
C LEU A 159 -7.81 -9.79 -14.59
N ILE A 160 -7.44 -9.33 -13.38
CA ILE A 160 -8.31 -8.41 -12.65
C ILE A 160 -8.40 -7.08 -13.37
N TYR A 161 -7.27 -6.56 -13.86
CA TYR A 161 -7.28 -5.25 -14.51
C TYR A 161 -8.16 -5.24 -15.75
N LYS A 162 -8.14 -6.32 -16.52
CA LYS A 162 -8.97 -6.38 -17.72
C LYS A 162 -10.45 -6.34 -17.36
N LYS A 163 -10.83 -7.01 -16.27
CA LYS A 163 -12.23 -6.95 -15.83
C LYS A 163 -12.58 -5.55 -15.34
N THR A 164 -11.62 -4.86 -14.72
CA THR A 164 -11.89 -3.52 -14.18
C THR A 164 -12.28 -2.55 -15.29
N LEU A 165 -11.64 -2.66 -16.46
CA LEU A 165 -11.97 -1.78 -17.57
C LEU A 165 -13.38 -2.01 -18.12
N LYS A 166 -14.01 -3.13 -17.76
CA LYS A 166 -15.30 -3.49 -18.30
C LYS A 166 -16.45 -3.38 -17.29
N LEU A 167 -16.18 -2.92 -16.07
CA LEU A 167 -17.22 -2.81 -15.06
C LEU A 167 -18.31 -1.83 -15.50
N SER A 168 -19.55 -2.19 -15.21
CA SER A 168 -20.68 -1.35 -15.57
C SER A 168 -20.66 -0.04 -14.79
N SER A 169 -21.31 0.98 -15.35
CA SER A 169 -21.39 2.28 -14.70
C SER A 169 -22.11 2.19 -13.35
N ARG A 170 -23.15 1.35 -13.27
CA ARG A 170 -23.90 1.21 -12.02
C ARG A 170 -23.14 0.44 -10.95
N VAL A 171 -22.12 -0.35 -11.34
CA VAL A 171 -21.29 -1.03 -10.35
C VAL A 171 -20.26 -0.07 -9.77
N LEU A 172 -19.73 0.84 -10.59
CA LEU A 172 -18.70 1.75 -10.15
C LEU A 172 -19.22 2.71 -9.09
N ASP A 173 -20.48 3.15 -9.22
CA ASP A 173 -20.99 4.18 -8.34
C ASP A 173 -21.19 3.67 -6.92
N LYS A 174 -21.33 2.35 -6.74
CA LYS A 174 -21.48 1.80 -5.39
C LYS A 174 -20.16 1.86 -4.63
N ILE A 175 -19.15 1.14 -5.11
CA ILE A 175 -17.85 1.07 -4.43
C ILE A 175 -16.77 0.69 -5.43
N SER A 176 -15.63 1.38 -5.37
CA SER A 176 -14.50 1.13 -6.27
C SER A 176 -13.30 1.90 -5.74
N ILE A 177 -12.26 1.99 -6.59
CA ILE A 177 -11.01 2.74 -6.38
C ILE A 177 -10.38 2.41 -5.03
N GLY A 178 -10.95 2.93 -3.95
CA GLY A 178 -10.37 2.68 -2.63
C GLY A 178 -10.36 1.21 -2.25
N GLN A 179 -11.44 0.50 -2.58
CA GLN A 179 -11.49 -0.94 -2.33
C GLN A 179 -10.65 -1.72 -3.33
N LEU A 180 -10.64 -1.28 -4.59
CA LEU A 180 -9.93 -2.01 -5.63
C LEU A 180 -8.43 -2.06 -5.38
N VAL A 181 -7.84 -0.94 -4.94
CA VAL A 181 -6.41 -0.93 -4.66
C VAL A 181 -6.11 -1.82 -3.44
N SER A 182 -6.99 -1.79 -2.44
CA SER A 182 -6.79 -2.63 -1.27
C SER A 182 -6.91 -4.10 -1.61
N LEU A 183 -7.70 -4.44 -2.63
CA LEU A 183 -7.84 -5.83 -3.04
C LEU A 183 -6.53 -6.42 -3.55
N LEU A 184 -5.65 -5.59 -4.10
CA LEU A 184 -4.38 -6.05 -4.67
C LEU A 184 -3.24 -6.01 -3.67
N SER A 185 -3.41 -5.39 -2.50
CA SER A 185 -2.33 -5.21 -1.56
C SER A 185 -2.40 -6.16 -0.36
N ASN A 186 -3.09 -7.30 -0.52
CA ASN A 186 -3.12 -8.31 0.53
C ASN A 186 -2.26 -9.53 0.22
N ASN A 187 -1.83 -9.70 -1.03
CA ASN A 187 -1.00 -10.83 -1.40
C ASN A 187 0.19 -10.39 -2.25
N LEU A 188 0.66 -9.15 -2.06
CA LEU A 188 1.74 -8.62 -2.88
C LEU A 188 3.01 -9.45 -2.74
N ASN A 189 3.28 -9.97 -1.54
CA ASN A 189 4.42 -10.85 -1.34
C ASN A 189 4.08 -12.12 -0.56
N LYS A 190 2.88 -12.24 0.02
CA LYS A 190 2.51 -13.39 0.81
C LYS A 190 2.10 -14.59 -0.04
N PHE A 191 1.85 -14.38 -1.33
CA PHE A 191 1.38 -15.49 -2.17
C PHE A 191 2.54 -16.37 -2.62
N ASP A 192 3.51 -15.79 -3.31
CA ASP A 192 4.62 -16.58 -3.84
C ASP A 192 5.44 -17.20 -2.71
N GLU A 193 5.87 -16.40 -1.75
CA GLU A 193 6.63 -16.94 -0.62
C GLU A 193 5.77 -17.80 0.29
N GLY A 194 4.45 -17.66 0.23
CA GLY A 194 3.57 -18.46 1.05
C GLY A 194 2.99 -19.65 0.31
N LEU A 195 3.77 -20.19 -0.62
CA LEU A 195 3.37 -21.38 -1.37
C LEU A 195 4.33 -22.55 -1.22
N ALA A 196 5.57 -22.31 -0.81
CA ALA A 196 6.55 -23.38 -0.68
C ALA A 196 6.23 -24.35 0.45
N LEU A 197 5.29 -24.01 1.33
CA LEU A 197 4.95 -24.87 2.47
C LEU A 197 3.54 -25.45 2.36
N ALA A 198 2.89 -25.29 1.20
CA ALA A 198 1.56 -25.86 1.02
C ALA A 198 1.58 -27.38 0.90
N HIS A 199 2.72 -27.97 0.52
CA HIS A 199 2.82 -29.42 0.41
C HIS A 199 2.95 -30.10 1.77
N PHE A 200 3.31 -29.36 2.82
CA PHE A 200 3.48 -29.96 4.14
C PHE A 200 2.17 -30.39 4.75
N VAL A 201 1.03 -30.16 4.09
CA VAL A 201 -0.24 -30.66 4.58
C VAL A 201 -0.31 -32.18 4.46
N TRP A 202 0.40 -32.77 3.50
CA TRP A 202 0.46 -34.22 3.36
C TRP A 202 1.84 -34.81 3.61
N ILE A 203 2.91 -34.02 3.49
CA ILE A 203 4.25 -34.55 3.81
C ILE A 203 4.38 -34.80 5.30
N ALA A 204 3.85 -33.91 6.12
CA ALA A 204 3.99 -34.04 7.57
C ALA A 204 3.33 -35.32 8.09
N PRO A 205 2.10 -35.68 7.68
CA PRO A 205 1.58 -36.99 8.06
C PRO A 205 2.45 -38.15 7.57
N LEU A 206 3.04 -38.03 6.38
CA LEU A 206 3.93 -39.08 5.90
C LEU A 206 5.22 -39.15 6.70
N GLN A 207 5.64 -38.02 7.28
CA GLN A 207 6.83 -38.03 8.14
C GLN A 207 6.56 -38.66 9.49
N VAL A 208 5.39 -38.38 10.07
CA VAL A 208 5.08 -38.89 11.40
C VAL A 208 4.97 -40.41 11.38
N ALA A 209 4.36 -40.97 10.34
CA ALA A 209 4.28 -42.43 10.22
C ALA A 209 5.66 -43.05 10.14
N LEU A 210 6.56 -42.44 9.36
CA LEU A 210 7.90 -42.98 9.24
C LEU A 210 8.66 -42.93 10.56
N LEU A 211 8.62 -41.77 11.23
CA LEU A 211 9.37 -41.62 12.47
C LEU A 211 8.82 -42.52 13.57
N MET A 212 7.50 -42.67 13.64
CA MET A 212 6.90 -43.52 14.66
C MET A 212 7.31 -44.97 14.49
N GLY A 213 7.56 -45.41 13.26
CA GLY A 213 8.09 -46.74 13.05
C GLY A 213 9.53 -46.87 13.50
N LEU A 214 10.33 -45.84 13.30
CA LEU A 214 11.72 -45.86 13.74
C LEU A 214 11.82 -45.78 15.26
N ILE A 215 10.95 -44.99 15.90
CA ILE A 215 10.95 -44.90 17.35
C ILE A 215 10.44 -46.19 17.97
N TRP A 216 9.62 -46.95 17.24
CA TRP A 216 9.13 -48.22 17.77
C TRP A 216 10.27 -49.19 18.02
N GLU A 217 11.34 -49.10 17.23
CA GLU A 217 12.49 -49.96 17.43
C GLU A 217 13.14 -49.71 18.79
N LEU A 218 13.24 -48.44 19.19
CA LEU A 218 13.87 -48.09 20.46
C LEU A 218 12.93 -48.35 21.63
N LEU A 219 11.81 -47.65 21.67
CA LEU A 219 10.81 -47.79 22.72
C LEU A 219 9.72 -48.70 22.19
N GLN A 220 9.61 -49.90 22.78
CA GLN A 220 8.78 -50.94 22.18
C GLN A 220 7.31 -50.53 22.11
N ALA A 221 6.78 -50.00 23.22
CA ALA A 221 5.36 -49.69 23.25
C ALA A 221 5.09 -48.34 23.90
N SER A 222 6.12 -47.66 24.37
CA SER A 222 5.97 -46.35 25.00
C SER A 222 6.08 -45.21 24.00
N ALA A 223 6.32 -45.52 22.72
CA ALA A 223 6.35 -44.47 21.70
C ALA A 223 5.01 -43.76 21.62
N PHE A 224 3.90 -44.50 21.76
CA PHE A 224 2.58 -43.91 21.63
C PHE A 224 2.28 -42.94 22.78
N CYS A 225 2.92 -43.10 23.92
CA CYS A 225 2.67 -42.19 25.04
C CYS A 225 3.13 -40.78 24.70
N GLY A 226 4.27 -40.65 24.02
CA GLY A 226 4.70 -39.35 23.55
C GLY A 226 3.94 -38.87 22.33
N LEU A 227 3.46 -39.79 21.49
CA LEU A 227 2.68 -39.38 20.34
C LEU A 227 1.39 -38.70 20.76
N GLY A 228 0.73 -39.21 21.79
CA GLY A 228 -0.54 -38.63 22.22
C GLY A 228 -0.38 -37.20 22.70
N PHE A 229 0.79 -36.86 23.24
CA PHE A 229 1.03 -35.47 23.63
C PHE A 229 1.10 -34.55 22.42
N LEU A 230 1.65 -35.04 21.31
CA LEU A 230 1.71 -34.23 20.11
C LEU A 230 0.35 -34.08 19.44
N ILE A 231 -0.53 -35.07 19.59
CA ILE A 231 -1.89 -34.93 19.08
C ILE A 231 -2.62 -33.83 19.83
N VAL A 232 -2.45 -33.78 21.15
CA VAL A 232 -3.09 -32.71 21.95
C VAL A 232 -2.53 -31.36 21.57
N LEU A 233 -1.22 -31.27 21.34
CA LEU A 233 -0.64 -30.01 20.89
C LEU A 233 -1.17 -29.60 19.53
N ALA A 234 -1.37 -30.56 18.62
CA ALA A 234 -1.92 -30.24 17.32
C ALA A 234 -3.35 -29.73 17.43
N LEU A 235 -4.16 -30.34 18.29
CA LEU A 235 -5.50 -29.84 18.54
C LEU A 235 -5.46 -28.46 19.19
N PHE A 236 -4.57 -28.29 20.16
CA PHE A 236 -4.45 -27.00 20.84
C PHE A 236 -4.06 -25.90 19.86
N GLN A 237 -3.08 -26.17 19.00
CA GLN A 237 -2.68 -25.18 18.00
C GLN A 237 -3.80 -24.91 17.00
N ALA A 238 -4.56 -25.94 16.64
CA ALA A 238 -5.67 -25.74 15.72
C ALA A 238 -6.72 -24.81 16.30
N GLY A 239 -7.00 -24.92 17.60
CA GLY A 239 -7.96 -24.03 18.22
C GLY A 239 -7.50 -22.59 18.21
N LEU A 240 -6.19 -22.37 18.34
CA LEU A 240 -5.66 -21.02 18.26
C LEU A 240 -5.79 -20.47 16.85
N GLY A 241 -5.81 -21.34 15.84
CA GLY A 241 -6.00 -20.87 14.48
C GLY A 241 -7.34 -20.21 14.27
N ARG A 242 -8.40 -20.81 14.81
CA ARG A 242 -9.72 -20.19 14.72
C ARG A 242 -9.77 -18.88 15.49
N MET A 243 -9.05 -18.81 16.62
CA MET A 243 -9.02 -17.58 17.38
C MET A 243 -8.28 -16.48 16.64
N MET A 244 -7.15 -16.81 16.01
CA MET A 244 -6.37 -15.80 15.29
C MET A 244 -7.16 -15.24 14.12
N MET A 245 -7.81 -16.10 13.34
CA MET A 245 -8.56 -15.64 12.18
C MET A 245 -9.75 -14.78 12.59
N LYS A 246 -10.41 -15.13 13.70
CA LYS A 246 -11.54 -14.35 14.16
C LYS A 246 -11.13 -12.92 14.50
N TYR A 247 -10.03 -12.75 15.22
CA TYR A 247 -9.57 -11.42 15.58
C TYR A 247 -9.01 -10.68 14.38
N ARG A 248 -8.42 -11.40 13.42
CA ARG A 248 -7.90 -10.74 12.22
C ARG A 248 -9.03 -10.19 11.35
N ASP A 249 -10.06 -11.01 11.10
CA ASP A 249 -11.17 -10.57 10.26
C ASP A 249 -12.13 -9.63 10.97
N GLN A 250 -12.10 -9.60 12.31
CA GLN A 250 -12.97 -8.68 13.03
C GLN A 250 -12.47 -7.25 12.95
N ARG A 251 -11.15 -7.05 12.87
CA ARG A 251 -10.57 -5.71 12.86
C ARG A 251 -10.33 -5.19 11.44
N ALA A 252 -10.67 -5.96 10.41
CA ALA A 252 -10.43 -5.50 9.04
C ALA A 252 -11.20 -4.22 8.73
N GLY A 253 -12.39 -4.05 9.31
CA GLY A 253 -13.16 -2.86 9.07
C GLY A 253 -12.64 -1.62 9.77
N LYS A 254 -11.88 -1.79 10.85
CA LYS A 254 -11.32 -0.63 11.54
C LYS A 254 -10.16 -0.03 10.76
N ILE A 255 -9.34 -0.88 10.13
CA ILE A 255 -8.19 -0.38 9.36
C ILE A 255 -8.67 0.45 8.18
N SER A 256 -9.69 -0.02 7.47
CA SER A 256 -10.22 0.73 6.34
C SER A 256 -10.81 2.06 6.79
N GLU A 257 -11.48 2.07 7.95
CA GLU A 257 -12.07 3.31 8.46
C GLU A 257 -11.00 4.35 8.76
N ARG A 258 -9.88 3.92 9.34
CA ARG A 258 -8.78 4.84 9.61
C ARG A 258 -8.14 5.33 8.32
N LEU A 259 -7.84 4.41 7.40
CA LEU A 259 -7.11 4.80 6.19
C LEU A 259 -7.90 5.77 5.33
N VAL A 260 -9.21 5.54 5.20
CA VAL A 260 -10.01 6.41 4.34
C VAL A 260 -10.12 7.82 4.94
N ILE A 261 -10.21 7.91 6.28
CA ILE A 261 -10.24 9.23 6.91
C ILE A 261 -8.88 9.90 6.83
N THR A 262 -7.81 9.12 6.96
CA THR A 262 -6.46 9.69 6.87
C THR A 262 -6.18 10.25 5.49
N SER A 263 -6.69 9.60 4.45
CA SER A 263 -6.50 10.11 3.08
C SER A 263 -7.17 11.47 2.91
N GLU A 264 -8.35 11.64 3.50
CA GLU A 264 -9.04 12.92 3.42
C GLU A 264 -8.22 14.04 4.05
N MET A 265 -7.62 13.78 5.21
CA MET A 265 -6.80 14.78 5.87
C MET A 265 -5.56 15.12 5.06
N ILE A 266 -4.93 14.12 4.44
CA ILE A 266 -3.71 14.36 3.67
C ILE A 266 -4.00 15.19 2.42
N GLU A 267 -5.06 14.83 1.68
CA GLU A 267 -5.34 15.52 0.43
C GLU A 267 -5.67 16.99 0.65
N ASN A 268 -6.45 17.28 1.70
CA ASN A 268 -6.83 18.65 2.03
C ASN A 268 -5.96 19.23 3.14
N ILE A 269 -4.68 18.89 3.16
CA ILE A 269 -3.79 19.38 4.21
C ILE A 269 -3.72 20.90 4.21
N GLN A 270 -3.83 21.52 3.03
CA GLN A 270 -3.75 22.97 2.96
C GLN A 270 -4.91 23.65 3.67
N SER A 271 -6.10 23.04 3.63
CA SER A 271 -7.23 23.58 4.37
C SER A 271 -7.08 23.34 5.87
N VAL A 272 -6.54 22.17 6.25
CA VAL A 272 -6.37 21.86 7.67
C VAL A 272 -5.46 22.88 8.35
N LYS A 273 -4.38 23.25 7.68
CA LYS A 273 -3.52 24.30 8.22
C LYS A 273 -4.24 25.63 8.28
N ALA A 274 -5.02 25.98 7.26
CA ALA A 274 -5.71 27.26 7.22
C ALA A 274 -6.76 27.36 8.33
N TYR A 275 -7.43 26.26 8.65
CA TYR A 275 -8.43 26.24 9.71
C TYR A 275 -7.83 26.12 11.10
N CYS A 276 -6.52 25.89 11.21
CA CYS A 276 -5.86 25.67 12.50
C CYS A 276 -6.44 24.44 13.20
N TRP A 277 -6.56 23.35 12.45
CA TRP A 277 -7.18 22.12 12.93
C TRP A 277 -6.17 21.01 13.15
N GLU A 278 -4.93 21.36 13.49
CA GLU A 278 -3.91 20.34 13.72
C GLU A 278 -4.27 19.46 14.91
N GLU A 279 -4.60 20.07 16.04
CA GLU A 279 -4.82 19.30 17.27
C GLU A 279 -6.05 18.42 17.16
N ALA A 280 -7.12 18.91 16.54
CA ALA A 280 -8.35 18.13 16.48
C ALA A 280 -8.16 16.86 15.67
N MET A 281 -7.45 16.94 14.55
CA MET A 281 -7.28 15.77 13.71
C MET A 281 -6.39 14.72 14.36
N GLU A 282 -5.45 15.14 15.19
CA GLU A 282 -4.61 14.16 15.90
C GLU A 282 -5.43 13.33 16.88
N LYS A 283 -6.33 13.99 17.62
CA LYS A 283 -7.21 13.25 18.52
C LYS A 283 -8.21 12.38 17.77
N MET A 284 -8.68 12.84 16.61
CA MET A 284 -9.65 12.06 15.85
C MET A 284 -9.07 10.72 15.41
N ILE A 285 -7.83 10.74 14.90
CA ILE A 285 -7.18 9.48 14.55
C ILE A 285 -6.78 8.71 15.80
N GLU A 286 -6.42 9.40 16.88
CA GLU A 286 -5.94 8.74 18.08
C GLU A 286 -6.98 7.77 18.63
N ASN A 287 -8.25 8.18 18.64
CA ASN A 287 -9.30 7.29 19.12
C ASN A 287 -9.44 6.06 18.23
N LEU A 288 -9.28 6.23 16.92
CA LEU A 288 -9.37 5.09 16.03
C LEU A 288 -8.22 4.11 16.26
N ARG A 289 -7.01 4.63 16.48
CA ARG A 289 -5.87 3.76 16.78
C ARG A 289 -6.07 3.03 18.09
N GLN A 290 -6.64 3.72 19.09
CA GLN A 290 -6.85 3.09 20.39
C GLN A 290 -7.79 1.90 20.30
N THR A 291 -8.86 2.02 19.51
CA THR A 291 -9.78 0.89 19.33
C THR A 291 -9.13 -0.24 18.56
N GLU A 292 -8.40 0.08 17.49
CA GLU A 292 -7.75 -0.94 16.69
C GLU A 292 -6.72 -1.71 17.50
N LEU A 293 -5.96 -1.00 18.35
CA LEU A 293 -4.87 -1.64 19.09
C LEU A 293 -5.36 -2.72 20.03
N LYS A 294 -6.60 -2.63 20.50
CA LYS A 294 -7.13 -3.63 21.41
C LYS A 294 -7.16 -5.01 20.75
N LEU A 295 -7.64 -5.08 19.51
CA LEU A 295 -7.67 -6.37 18.80
C LEU A 295 -6.28 -6.76 18.29
N THR A 296 -5.42 -5.79 18.03
CA THR A 296 -4.06 -6.10 17.58
C THR A 296 -3.28 -6.84 18.64
N ARG A 297 -3.42 -6.42 19.90
CA ARG A 297 -2.73 -7.12 20.98
C ARG A 297 -3.28 -8.51 21.19
N LYS A 298 -4.60 -8.68 21.09
CA LYS A 298 -5.19 -10.01 21.25
C LYS A 298 -4.62 -10.99 20.23
N ALA A 299 -4.56 -10.57 18.96
CA ALA A 299 -4.01 -11.44 17.92
C ALA A 299 -2.54 -11.75 18.19
N ALA A 300 -1.81 -10.81 18.76
CA ALA A 300 -0.40 -11.04 19.05
C ALA A 300 -0.21 -12.01 20.21
N TYR A 301 -1.09 -11.97 21.20
CA TYR A 301 -1.02 -12.95 22.29
C TYR A 301 -1.33 -14.35 21.79
N VAL A 302 -2.33 -14.48 20.93
CA VAL A 302 -2.66 -15.80 20.36
C VAL A 302 -1.50 -16.33 19.53
N ARG A 303 -0.90 -15.47 18.71
CA ARG A 303 0.22 -15.91 17.88
C ARG A 303 1.44 -16.26 18.71
N TYR A 304 1.58 -15.68 19.90
CA TYR A 304 2.69 -16.03 20.78
C TYR A 304 2.60 -17.49 21.22
N PHE A 305 1.46 -17.89 21.77
CA PHE A 305 1.31 -19.26 22.27
C PHE A 305 1.35 -20.27 21.14
N ASN A 306 0.87 -19.91 19.96
CA ASN A 306 0.97 -20.80 18.81
C ASN A 306 2.42 -20.98 18.37
N SER A 307 3.18 -19.88 18.37
CA SER A 307 4.58 -19.97 17.96
C SER A 307 5.42 -20.67 19.02
N SER A 308 5.25 -20.29 20.28
CA SER A 308 6.04 -20.85 21.37
C SER A 308 5.51 -22.19 21.85
N ALA A 309 5.31 -23.14 20.93
CA ALA A 309 4.98 -24.51 21.26
C ALA A 309 6.07 -25.49 20.85
N PHE A 310 6.83 -25.15 19.80
CA PHE A 310 7.98 -25.98 19.43
C PHE A 310 9.02 -26.02 20.54
N PHE A 311 9.33 -24.86 21.11
CA PHE A 311 10.37 -24.80 22.13
C PHE A 311 9.94 -25.51 23.41
N PHE A 312 8.69 -25.32 23.84
CA PHE A 312 8.21 -25.87 25.10
C PHE A 312 7.67 -27.29 24.96
N SER A 313 8.08 -28.03 23.93
CA SER A 313 7.70 -29.43 23.80
C SER A 313 8.90 -30.36 23.67
N GLY A 314 10.12 -29.83 23.72
CA GLY A 314 11.30 -30.66 23.57
C GLY A 314 11.62 -31.52 24.77
N PHE A 315 10.98 -31.29 25.91
CA PHE A 315 11.15 -32.13 27.09
C PHE A 315 9.94 -32.98 27.41
N PHE A 316 8.73 -32.43 27.25
CA PHE A 316 7.53 -33.17 27.61
C PHE A 316 7.21 -34.31 26.64
N VAL A 317 7.76 -34.27 25.42
CA VAL A 317 7.56 -35.39 24.50
C VAL A 317 8.61 -36.47 24.73
N VAL A 318 9.80 -36.11 25.20
CA VAL A 318 10.85 -37.10 25.45
C VAL A 318 10.62 -37.79 26.79
N PHE A 319 10.48 -37.01 27.86
CA PHE A 319 10.34 -37.58 29.19
C PHE A 319 9.11 -38.45 29.31
N LEU A 320 8.01 -38.06 28.65
CA LEU A 320 6.77 -38.82 28.77
C LEU A 320 6.89 -40.20 28.14
N SER A 321 7.78 -40.37 27.16
CA SER A 321 7.97 -41.66 26.50
C SER A 321 9.15 -42.44 27.04
N VAL A 322 10.15 -41.76 27.61
CA VAL A 322 11.29 -42.48 28.18
C VAL A 322 10.96 -43.00 29.57
N LEU A 323 10.10 -42.29 30.30
CA LEU A 323 9.80 -42.69 31.68
C LEU A 323 9.19 -44.09 31.79
N PRO A 324 8.15 -44.45 31.04
CA PRO A 324 7.60 -45.81 31.21
C PRO A 324 8.58 -46.91 30.89
N TYR A 325 9.42 -46.71 29.88
CA TYR A 325 10.42 -47.71 29.53
C TYR A 325 11.50 -47.82 30.60
N ALA A 326 11.99 -46.68 31.10
CA ALA A 326 13.04 -46.69 32.10
C ALA A 326 12.59 -47.35 33.40
N LEU A 327 11.32 -47.21 33.76
CA LEU A 327 10.83 -47.84 34.98
C LEU A 327 10.68 -49.35 34.82
N ILE A 328 10.24 -49.81 33.64
CA ILE A 328 10.09 -51.24 33.42
C ILE A 328 11.45 -51.92 33.37
N LYS A 329 12.41 -51.32 32.68
CA LYS A 329 13.74 -51.92 32.55
C LYS A 329 14.77 -50.80 32.39
N GLY A 330 15.99 -51.08 32.83
CA GLY A 330 17.05 -50.09 32.83
C GLY A 330 17.45 -49.61 31.45
N ILE A 331 17.31 -48.31 31.19
CA ILE A 331 17.64 -47.72 29.90
C ILE A 331 19.06 -47.17 29.94
N ILE A 332 19.79 -47.35 28.85
CA ILE A 332 21.15 -46.85 28.72
C ILE A 332 21.12 -45.47 28.08
N LEU A 333 22.21 -44.71 28.31
CA LEU A 333 22.26 -43.33 27.84
C LEU A 333 22.18 -43.23 26.31
N ARG A 334 22.64 -44.26 25.60
CA ARG A 334 22.72 -44.15 24.14
C ARG A 334 21.34 -44.01 23.52
N LYS A 335 20.37 -44.78 23.99
CA LYS A 335 19.03 -44.67 23.43
C LYS A 335 18.32 -43.40 23.89
N ILE A 336 18.69 -42.86 25.06
CA ILE A 336 18.10 -41.60 25.49
C ILE A 336 18.47 -40.49 24.52
N PHE A 337 19.74 -40.45 24.10
CA PHE A 337 20.15 -39.47 23.10
C PHE A 337 19.54 -39.75 21.74
N THR A 338 19.40 -41.04 21.38
CA THR A 338 18.86 -41.37 20.06
C THR A 338 17.40 -40.98 19.95
N THR A 339 16.59 -41.26 20.97
CA THR A 339 15.18 -40.87 20.91
C THR A 339 15.03 -39.36 20.95
N ILE A 340 15.97 -38.65 21.58
CA ILE A 340 15.97 -37.19 21.53
C ILE A 340 16.22 -36.71 20.10
N SER A 341 17.18 -37.33 19.42
CA SER A 341 17.50 -36.91 18.06
C SER A 341 16.32 -37.12 17.12
N PHE A 342 15.59 -38.23 17.28
CA PHE A 342 14.42 -38.48 16.46
C PHE A 342 13.30 -37.48 16.75
N CYS A 343 13.07 -37.19 18.04
CA CYS A 343 11.95 -36.33 18.40
C CYS A 343 12.15 -34.89 17.95
N ILE A 344 13.39 -34.48 17.68
CA ILE A 344 13.64 -33.14 17.18
C ILE A 344 12.97 -32.95 15.84
N VAL A 345 13.11 -33.93 14.94
CA VAL A 345 12.43 -33.86 13.66
C VAL A 345 10.93 -34.03 13.84
N LEU A 346 10.52 -34.89 14.76
CA LEU A 346 9.09 -35.15 14.95
C LEU A 346 8.36 -33.90 15.42
N ARG A 347 8.97 -33.12 16.31
CA ARG A 347 8.34 -31.90 16.79
C ARG A 347 8.24 -30.85 15.69
N MET A 348 9.26 -30.73 14.85
CA MET A 348 9.23 -29.74 13.79
C MET A 348 8.10 -30.01 12.80
N ALA A 349 7.91 -31.28 12.45
CA ALA A 349 6.91 -31.62 11.44
C ALA A 349 5.49 -31.33 11.91
N VAL A 350 5.18 -31.63 13.17
CA VAL A 350 3.80 -31.58 13.64
C VAL A 350 3.45 -30.29 14.37
N THR A 351 4.43 -29.53 14.84
CA THR A 351 4.16 -28.31 15.60
C THR A 351 4.56 -27.04 14.87
N ARG A 352 5.32 -27.14 13.80
CA ARG A 352 5.80 -25.96 13.10
C ARG A 352 5.44 -25.95 11.62
N GLN A 353 5.41 -27.12 10.98
CA GLN A 353 5.16 -27.20 9.54
C GLN A 353 3.69 -27.43 9.23
N PHE A 354 3.07 -28.42 9.88
CA PHE A 354 1.67 -28.72 9.59
C PHE A 354 0.72 -27.56 9.91
N PRO A 355 0.77 -26.93 11.08
CA PRO A 355 -0.14 -25.79 11.31
C PRO A 355 0.07 -24.65 10.35
N TRP A 356 1.31 -24.39 9.92
CA TRP A 356 1.56 -23.35 8.94
C TRP A 356 0.92 -23.69 7.60
N ALA A 357 1.01 -24.96 7.19
CA ALA A 357 0.43 -25.38 5.92
C ALA A 357 -1.09 -25.20 5.91
N VAL A 358 -1.75 -25.60 7.00
CA VAL A 358 -3.21 -25.49 7.07
C VAL A 358 -3.65 -24.03 7.01
N GLN A 359 -2.98 -23.17 7.77
CA GLN A 359 -3.34 -21.75 7.76
C GLN A 359 -3.16 -21.14 6.37
N THR A 360 -2.14 -21.57 5.64
CA THR A 360 -1.91 -21.06 4.29
C THR A 360 -3.05 -21.45 3.35
N TRP A 361 -3.54 -22.69 3.44
CA TRP A 361 -4.66 -23.10 2.61
C TRP A 361 -5.92 -22.31 2.93
N TYR A 362 -6.10 -21.92 4.20
CA TYR A 362 -7.20 -21.05 4.55
C TYR A 362 -7.08 -19.68 3.87
N ASP A 363 -5.84 -19.20 3.68
CA ASP A 363 -5.61 -17.90 3.08
C ASP A 363 -5.55 -17.97 1.56
N SER A 364 -4.97 -19.03 1.02
CA SER A 364 -4.90 -19.16 -0.43
C SER A 364 -6.29 -19.31 -1.04
N LEU A 365 -7.13 -20.14 -0.43
CA LEU A 365 -8.48 -20.34 -0.94
C LEU A 365 -9.37 -19.13 -0.69
N GLY A 366 -9.14 -18.42 0.42
CA GLY A 366 -9.92 -17.22 0.67
C GLY A 366 -9.65 -16.12 -0.35
N ALA A 367 -8.39 -15.97 -0.73
CA ALA A 367 -8.04 -14.95 -1.72
C ALA A 367 -8.62 -15.28 -3.08
N ILE A 368 -8.58 -16.56 -3.47
CA ILE A 368 -9.08 -16.96 -4.79
C ILE A 368 -10.59 -16.80 -4.86
N ASN A 369 -11.31 -17.12 -3.78
CA ASN A 369 -12.75 -16.92 -3.76
C ASN A 369 -13.12 -15.44 -3.73
N LYS A 370 -12.31 -14.61 -3.05
CA LYS A 370 -12.56 -13.18 -3.08
C LYS A 370 -12.37 -12.62 -4.49
N ILE A 371 -11.34 -13.07 -5.19
CA ILE A 371 -11.13 -12.64 -6.57
C ILE A 371 -12.22 -13.19 -7.48
N GLN A 372 -12.65 -14.42 -7.24
CA GLN A 372 -13.65 -15.04 -8.11
C GLN A 372 -14.94 -14.24 -8.14
N ASP A 373 -15.39 -13.78 -6.98
CA ASP A 373 -16.65 -13.04 -6.91
C ASP A 373 -16.56 -11.73 -7.68
N PHE A 374 -15.43 -11.02 -7.56
CA PHE A 374 -15.25 -9.75 -8.26
C PHE A 374 -15.27 -9.95 -9.77
N LEU A 375 -14.81 -11.11 -10.24
CA LEU A 375 -14.67 -11.36 -11.66
C LEU A 375 -16.00 -11.53 -12.38
N GLN A 376 -17.13 -11.57 -11.67
CA GLN A 376 -18.40 -11.84 -12.30
C GLN A 376 -19.43 -10.74 -12.01
N LYS A 377 -18.97 -9.50 -11.91
CA LYS A 377 -19.87 -8.37 -11.75
C LYS A 377 -20.44 -7.93 -13.10
N GLN A 378 -21.45 -7.08 -13.05
CA GLN A 378 -22.14 -6.60 -14.25
C GLN A 378 -21.16 -5.87 -15.17
N GLU A 379 -21.24 -6.16 -16.47
CA GLU A 379 -20.32 -5.62 -17.45
C GLU A 379 -20.95 -4.50 -18.26
N TYR A 380 -20.10 -3.56 -18.69
CA TYR A 380 -20.48 -2.52 -19.64
C TYR A 380 -20.80 -3.14 -21.00
N LYS A 381 -21.96 -2.78 -21.55
CA LYS A 381 -22.38 -3.34 -22.83
C LYS A 381 -21.64 -2.64 -23.98
N THR A 382 -20.92 -3.43 -24.78
CA THR A 382 -20.17 -2.88 -25.90
C THR A 382 -20.96 -2.85 -27.20
N LEU A 383 -22.14 -3.48 -27.25
CA LEU A 383 -22.92 -3.54 -28.49
C LEU A 383 -23.53 -2.19 -28.79
N GLU A 384 -23.19 -1.63 -29.95
CA GLU A 384 -23.68 -0.31 -30.33
C GLU A 384 -23.78 -0.23 -31.84
N TYR A 385 -24.58 0.72 -32.31
CA TYR A 385 -24.77 0.90 -33.75
C TYR A 385 -23.46 1.32 -34.41
N ASN A 386 -23.13 0.69 -35.54
CA ASN A 386 -21.90 1.00 -36.25
C ASN A 386 -22.13 1.99 -37.38
N LEU A 387 -23.01 1.66 -38.32
CA LEU A 387 -23.24 2.47 -39.51
C LEU A 387 -24.53 3.26 -39.34
N THR A 388 -24.40 4.58 -39.28
CA THR A 388 -25.56 5.47 -39.17
C THR A 388 -25.43 6.72 -40.01
N THR A 389 -24.39 6.84 -40.84
CA THR A 389 -24.09 8.04 -41.63
C THR A 389 -23.81 9.25 -40.74
N THR A 390 -23.48 9.00 -39.46
CA THR A 390 -23.13 10.06 -38.51
C THR A 390 -24.26 11.07 -38.35
N GLU A 391 -25.46 10.57 -38.06
CA GLU A 391 -26.63 11.41 -37.82
C GLU A 391 -27.35 10.88 -36.58
N VAL A 392 -26.93 11.36 -35.41
CA VAL A 392 -27.49 10.89 -34.15
C VAL A 392 -28.91 11.41 -34.00
N VAL A 393 -29.83 10.51 -33.66
CA VAL A 393 -31.23 10.85 -33.49
C VAL A 393 -31.78 10.12 -32.28
N MET A 394 -32.73 10.75 -31.59
CA MET A 394 -33.38 10.18 -30.41
C MET A 394 -34.89 10.37 -30.52
N GLU A 395 -35.64 9.51 -29.84
CA GLU A 395 -37.09 9.60 -29.84
C GLU A 395 -37.64 8.82 -28.66
N ASN A 396 -38.44 9.49 -27.81
CA ASN A 396 -39.15 8.85 -26.71
C ASN A 396 -38.18 8.11 -25.78
N VAL A 397 -37.20 8.84 -25.28
CA VAL A 397 -36.12 8.26 -24.47
C VAL A 397 -36.40 8.52 -23.01
N THR A 398 -36.38 7.47 -22.19
CA THR A 398 -36.57 7.55 -20.75
C THR A 398 -35.41 6.82 -20.07
N ALA A 399 -35.00 7.31 -18.90
CA ALA A 399 -33.90 6.69 -18.19
C ALA A 399 -34.07 6.91 -16.69
N PHE A 400 -33.42 6.05 -15.91
CA PHE A 400 -33.41 6.12 -14.46
C PHE A 400 -31.99 5.89 -13.96
N TRP A 401 -31.69 6.47 -12.80
CA TRP A 401 -30.44 6.22 -12.08
C TRP A 401 -30.65 5.35 -10.86
N GLU A 402 -31.68 4.51 -10.87
CA GLU A 402 -32.00 3.66 -9.72
C GLU A 402 -32.42 2.26 -10.19
N GLY A 437 -37.26 7.84 -6.98
CA GLY A 437 -38.50 7.36 -7.58
C GLY A 437 -38.98 8.22 -8.73
N THR A 438 -38.07 8.97 -9.32
CA THR A 438 -38.38 9.87 -10.42
C THR A 438 -37.46 9.61 -11.61
N PRO A 439 -37.96 9.69 -12.83
CA PRO A 439 -37.10 9.52 -14.00
C PRO A 439 -36.13 10.68 -14.13
N VAL A 440 -34.88 10.36 -14.48
CA VAL A 440 -33.88 11.41 -14.65
C VAL A 440 -34.16 12.24 -15.90
N LEU A 441 -34.53 11.58 -16.99
CA LEU A 441 -34.94 12.27 -18.21
C LEU A 441 -36.09 11.50 -18.86
N LYS A 442 -37.03 12.23 -19.46
CA LYS A 442 -38.25 11.64 -20.00
C LYS A 442 -38.63 12.31 -21.31
N ASP A 443 -38.78 11.49 -22.35
CA ASP A 443 -39.26 11.93 -23.67
C ASP A 443 -38.44 13.12 -24.18
N ILE A 444 -37.14 12.88 -24.36
CA ILE A 444 -36.23 13.87 -24.92
C ILE A 444 -35.81 13.41 -26.32
N ASN A 445 -35.96 14.29 -27.30
CA ASN A 445 -35.61 13.95 -28.67
C ASN A 445 -34.98 15.15 -29.37
N PHE A 446 -34.13 14.86 -30.34
CA PHE A 446 -33.55 15.85 -31.24
C PHE A 446 -33.06 15.14 -32.48
N LYS A 447 -32.43 15.90 -33.38
CA LYS A 447 -31.92 15.33 -34.62
C LYS A 447 -30.79 16.22 -35.14
N ILE A 448 -29.58 15.67 -35.19
CA ILE A 448 -28.38 16.42 -35.54
C ILE A 448 -27.83 15.88 -36.85
N GLU A 449 -27.89 16.69 -37.90
CA GLU A 449 -27.21 16.38 -39.13
C GLU A 449 -25.70 16.59 -38.96
N ARG A 450 -24.93 16.02 -39.88
CA ARG A 450 -23.48 16.11 -39.80
C ARG A 450 -23.04 17.56 -39.92
N GLY A 451 -22.13 17.98 -39.03
CA GLY A 451 -21.59 19.32 -39.08
C GLY A 451 -22.36 20.36 -38.30
N GLN A 452 -23.36 19.96 -37.52
CA GLN A 452 -24.16 20.91 -36.74
C GLN A 452 -23.66 21.00 -35.31
N LEU A 453 -24.11 22.05 -34.62
CA LEU A 453 -23.75 22.33 -33.24
C LEU A 453 -25.01 22.40 -32.38
N LEU A 454 -25.10 21.52 -31.38
CA LEU A 454 -26.23 21.48 -30.47
C LEU A 454 -25.82 22.08 -29.14
N ALA A 455 -26.63 23.02 -28.64
CA ALA A 455 -26.39 23.68 -27.36
C ALA A 455 -27.39 23.15 -26.33
N VAL A 456 -26.88 22.55 -25.26
CA VAL A 456 -27.69 22.04 -24.18
C VAL A 456 -27.62 23.02 -23.01
N ALA A 457 -28.78 23.37 -22.46
CA ALA A 457 -28.85 24.29 -21.34
C ALA A 457 -29.77 23.71 -20.26
N GLY A 458 -30.00 24.48 -19.23
CA GLY A 458 -30.85 24.08 -18.12
C GLY A 458 -30.39 24.76 -16.83
N SER A 459 -30.60 24.06 -15.72
CA SER A 459 -30.19 24.52 -14.40
C SER A 459 -29.37 23.41 -13.72
N THR A 460 -28.94 23.69 -12.49
CA THR A 460 -28.18 22.70 -11.72
C THR A 460 -29.04 21.48 -11.43
N GLY A 461 -28.50 20.30 -11.74
CA GLY A 461 -29.17 19.05 -11.45
C GLY A 461 -30.28 18.68 -12.41
N ALA A 462 -30.42 19.39 -13.52
CA ALA A 462 -31.48 19.11 -14.48
C ALA A 462 -31.19 17.89 -15.34
N GLY A 463 -29.97 17.39 -15.34
CA GLY A 463 -29.61 16.26 -16.15
C GLY A 463 -28.87 16.57 -17.43
N LYS A 464 -28.04 17.60 -17.46
CA LYS A 464 -27.24 17.89 -18.64
C LYS A 464 -26.20 16.80 -18.87
N THR A 465 -25.48 16.41 -17.82
CA THR A 465 -24.47 15.36 -17.94
C THR A 465 -25.13 14.00 -18.13
N SER A 466 -26.26 13.75 -17.47
CA SER A 466 -26.95 12.47 -17.64
C SER A 466 -27.48 12.29 -19.05
N LEU A 467 -27.78 13.39 -19.75
CA LEU A 467 -28.16 13.26 -21.15
C LEU A 467 -27.00 12.78 -22.00
N LEU A 468 -25.78 13.19 -21.66
CA LEU A 468 -24.62 12.73 -22.42
C LEU A 468 -24.28 11.27 -22.09
N MET A 469 -24.72 10.77 -20.94
CA MET A 469 -24.42 9.39 -20.58
C MET A 469 -25.08 8.41 -21.55
N VAL A 470 -26.34 8.65 -21.91
CA VAL A 470 -27.03 7.71 -22.79
C VAL A 470 -26.42 7.74 -24.19
N ILE A 471 -25.88 8.88 -24.60
CA ILE A 471 -25.34 9.01 -25.96
C ILE A 471 -24.09 8.16 -26.13
N MET A 472 -23.28 8.02 -25.08
CA MET A 472 -22.11 7.16 -25.13
C MET A 472 -22.45 5.69 -24.91
N GLY A 473 -23.71 5.38 -24.57
CA GLY A 473 -24.07 4.03 -24.20
C GLY A 473 -23.76 3.68 -22.77
N GLU A 474 -23.37 4.65 -21.95
CA GLU A 474 -23.07 4.38 -20.55
C GLU A 474 -24.34 4.09 -19.76
N LEU A 475 -25.46 4.68 -20.16
CA LEU A 475 -26.76 4.49 -19.51
C LEU A 475 -27.74 4.02 -20.56
N GLU A 476 -28.00 2.72 -20.61
CA GLU A 476 -28.94 2.18 -21.57
C GLU A 476 -30.35 2.64 -21.22
N PRO A 477 -31.07 3.27 -22.14
CA PRO A 477 -32.43 3.74 -21.83
C PRO A 477 -33.37 2.58 -21.58
N SER A 478 -34.28 2.76 -20.62
CA SER A 478 -35.22 1.72 -20.26
C SER A 478 -36.18 1.43 -21.42
N GLU A 479 -36.77 2.48 -22.01
CA GLU A 479 -37.71 2.32 -23.11
C GLU A 479 -37.43 3.30 -24.24
N GLY A 480 -36.16 3.69 -24.41
CA GLY A 480 -35.80 4.63 -25.45
C GLY A 480 -35.41 3.97 -26.76
N LYS A 481 -35.13 4.82 -27.75
CA LYS A 481 -34.65 4.37 -29.07
C LYS A 481 -33.68 5.44 -29.57
N ILE A 482 -32.38 5.17 -29.46
CA ILE A 482 -31.34 6.12 -29.80
C ILE A 482 -30.38 5.49 -30.80
N LYS A 483 -29.79 6.30 -31.65
CA LYS A 483 -28.81 5.85 -32.63
C LYS A 483 -27.41 6.26 -32.18
N HIS A 484 -26.50 5.30 -32.16
CA HIS A 484 -25.10 5.53 -31.80
C HIS A 484 -24.25 5.60 -33.04
N SER A 485 -23.23 6.47 -33.00
CA SER A 485 -22.27 6.57 -34.09
C SER A 485 -21.02 5.75 -33.74
N GLY A 486 -19.92 6.03 -34.43
CA GLY A 486 -18.68 5.32 -34.19
C GLY A 486 -17.89 5.89 -33.03
N ARG A 487 -16.60 6.14 -33.23
CA ARG A 487 -15.78 6.72 -32.18
C ARG A 487 -16.35 8.04 -31.71
N ILE A 488 -16.37 8.24 -30.39
CA ILE A 488 -16.96 9.43 -29.79
C ILE A 488 -15.96 10.02 -28.81
N SER A 489 -15.69 11.32 -28.94
CA SER A 489 -14.74 12.02 -28.09
C SER A 489 -15.49 12.74 -26.97
N PHE A 490 -15.17 12.39 -25.73
CA PHE A 490 -15.88 12.91 -24.57
C PHE A 490 -14.94 13.74 -23.71
N CYS A 491 -15.37 14.94 -23.33
CA CYS A 491 -14.61 15.85 -22.49
C CYS A 491 -15.40 16.09 -21.21
N SER A 492 -15.10 15.30 -20.18
CA SER A 492 -15.83 15.39 -18.93
C SER A 492 -15.62 16.74 -18.25
N GLN A 493 -16.59 17.15 -17.45
CA GLN A 493 -16.43 18.33 -16.61
C GLN A 493 -15.26 18.18 -15.66
N PHE A 494 -15.11 17.00 -15.06
CA PHE A 494 -13.98 16.75 -14.17
C PHE A 494 -12.69 16.71 -14.98
N SER A 495 -11.71 17.50 -14.56
CA SER A 495 -10.44 17.58 -15.28
C SER A 495 -9.61 16.32 -15.03
N TRP A 496 -9.20 15.67 -16.10
CA TRP A 496 -8.41 14.45 -16.02
C TRP A 496 -6.97 14.73 -16.45
N ILE A 497 -6.02 14.40 -15.59
CA ILE A 497 -4.60 14.54 -15.89
C ILE A 497 -3.90 13.26 -15.44
N MET A 498 -3.20 12.61 -16.37
CA MET A 498 -2.52 11.35 -16.10
C MET A 498 -1.02 11.56 -16.04
N PRO A 499 -0.30 10.68 -15.33
CA PRO A 499 1.16 10.84 -15.21
C PRO A 499 1.84 10.86 -16.56
N GLY A 500 2.88 11.69 -16.67
CA GLY A 500 3.69 11.76 -17.86
C GLY A 500 3.85 13.19 -18.33
N THR A 501 4.26 13.32 -19.59
CA THR A 501 4.54 14.61 -20.22
C THR A 501 3.24 15.33 -20.59
N ILE A 502 3.32 16.66 -20.69
CA ILE A 502 2.15 17.45 -21.08
C ILE A 502 1.69 17.07 -22.48
N LYS A 503 2.62 16.95 -23.42
CA LYS A 503 2.22 16.55 -24.76
C LYS A 503 1.76 15.10 -24.81
N GLU A 504 2.35 14.24 -23.97
CA GLU A 504 1.88 12.86 -23.88
C GLU A 504 0.45 12.78 -23.36
N ASN A 505 0.01 13.78 -22.60
CA ASN A 505 -1.37 13.84 -22.16
C ASN A 505 -2.31 14.30 -23.25
N ILE A 506 -1.80 14.69 -24.42
CA ILE A 506 -2.60 15.24 -25.50
C ILE A 506 -2.56 14.36 -26.75
N ILE A 507 -1.36 13.92 -27.15
CA ILE A 507 -1.24 13.24 -28.43
C ILE A 507 -1.87 11.85 -28.38
N GLY A 508 -1.86 11.20 -27.23
CA GLY A 508 -2.40 9.85 -27.15
C GLY A 508 -1.42 8.79 -27.61
N VAL A 509 -1.63 8.26 -28.81
CA VAL A 509 -0.78 7.20 -29.36
C VAL A 509 0.02 7.67 -30.57
N SER A 510 -0.61 8.44 -31.47
CA SER A 510 0.02 8.87 -32.71
C SER A 510 0.30 10.36 -32.67
N TYR A 511 1.46 10.75 -33.22
CA TYR A 511 1.91 12.12 -33.21
C TYR A 511 1.73 12.78 -34.57
N ASP A 512 1.58 14.10 -34.56
CA ASP A 512 1.45 14.88 -35.79
C ASP A 512 1.81 16.32 -35.49
N GLU A 513 2.90 16.81 -36.08
CA GLU A 513 3.41 18.14 -35.75
C GLU A 513 2.43 19.24 -36.14
N TYR A 514 1.91 19.18 -37.37
CA TYR A 514 1.01 20.23 -37.83
C TYR A 514 -0.27 20.27 -36.99
N ARG A 515 -0.81 19.10 -36.67
CA ARG A 515 -2.04 19.03 -35.88
C ARG A 515 -1.79 19.48 -34.44
N TYR A 516 -0.68 19.03 -33.85
CA TYR A 516 -0.37 19.39 -32.46
C TYR A 516 -0.17 20.89 -32.31
N ARG A 517 0.58 21.50 -33.24
CA ARG A 517 0.85 22.93 -33.13
C ARG A 517 -0.44 23.75 -33.32
N SER A 518 -1.36 23.27 -34.14
CA SER A 518 -2.61 23.99 -34.34
C SER A 518 -3.50 23.91 -33.10
N VAL A 519 -3.60 22.73 -32.48
CA VAL A 519 -4.46 22.57 -31.32
C VAL A 519 -3.92 23.37 -30.13
N ILE A 520 -2.60 23.31 -29.92
CA ILE A 520 -1.99 24.06 -28.83
C ILE A 520 -2.24 25.55 -29.00
N LYS A 521 -2.04 26.05 -30.22
CA LYS A 521 -2.30 27.45 -30.50
C LYS A 521 -3.72 27.66 -31.03
N ALA A 522 -4.68 27.04 -30.35
CA ALA A 522 -6.10 27.34 -30.57
C ALA A 522 -6.82 27.41 -29.24
N CYS A 523 -6.27 26.72 -28.23
CA CYS A 523 -6.81 26.68 -26.89
C CYS A 523 -6.13 27.66 -25.94
N GLN A 524 -5.36 28.61 -26.49
CA GLN A 524 -4.68 29.64 -25.70
C GLN A 524 -3.68 29.04 -24.72
N LEU A 525 -3.02 27.96 -25.12
CA LEU A 525 -1.91 27.39 -24.36
C LEU A 525 -0.56 27.90 -24.83
N GLU A 526 -0.51 28.74 -25.86
CA GLU A 526 0.76 29.20 -26.41
C GLU A 526 1.61 29.89 -25.34
N GLU A 527 1.02 30.85 -24.63
CA GLU A 527 1.76 31.62 -23.63
C GLU A 527 2.16 30.74 -22.44
N ASP A 528 1.21 30.00 -21.88
CA ASP A 528 1.45 29.30 -20.63
C ASP A 528 2.41 28.12 -20.79
N ILE A 529 2.44 27.49 -21.97
CA ILE A 529 3.33 26.34 -22.15
C ILE A 529 4.79 26.77 -22.06
N SER A 530 5.21 27.69 -22.93
CA SER A 530 6.61 28.13 -22.95
C SER A 530 6.86 29.14 -21.84
N LYS A 531 6.55 28.71 -20.62
CA LYS A 531 6.75 29.60 -19.48
C LYS A 531 7.48 28.94 -18.32
N PHE A 532 7.17 27.68 -18.01
CA PHE A 532 7.50 27.18 -16.68
C PHE A 532 8.99 27.01 -16.42
N ALA A 533 9.60 25.94 -16.92
CA ALA A 533 11.06 25.80 -16.84
C ALA A 533 11.62 25.06 -18.04
N GLU A 534 10.80 24.22 -18.67
CA GLU A 534 11.29 23.20 -19.60
C GLU A 534 10.40 23.13 -20.82
N LYS A 535 9.89 24.29 -21.24
CA LYS A 535 9.05 24.38 -22.43
C LYS A 535 7.79 23.55 -22.26
N ASP A 536 7.79 22.35 -22.82
CA ASP A 536 6.61 21.51 -22.87
C ASP A 536 6.80 20.12 -22.27
N ASN A 537 8.02 19.70 -22.00
CA ASN A 537 8.28 18.34 -21.55
C ASN A 537 8.22 18.22 -20.02
N ILE A 538 7.48 19.12 -19.38
CA ILE A 538 7.35 19.08 -17.92
C ILE A 538 6.65 17.78 -17.49
N VAL A 539 7.19 17.14 -16.46
CA VAL A 539 6.63 15.89 -15.96
C VAL A 539 5.56 16.21 -14.91
N LEU A 540 4.34 15.74 -15.15
CA LEU A 540 3.22 15.99 -14.26
C LEU A 540 2.92 14.77 -13.39
N GLY A 541 2.43 15.04 -12.18
CA GLY A 541 1.99 13.99 -11.29
C GLY A 541 0.56 13.56 -11.59
N GLU A 542 0.07 12.63 -10.77
CA GLU A 542 -1.27 12.12 -10.93
C GLU A 542 -2.29 13.18 -10.53
N GLY A 543 -3.07 13.65 -11.50
CA GLY A 543 -4.04 14.70 -11.26
C GLY A 543 -3.53 16.10 -11.48
N GLY A 544 -2.24 16.28 -11.73
CA GLY A 544 -1.70 17.59 -12.03
C GLY A 544 -1.82 18.56 -10.89
N ILE A 545 -1.37 18.15 -9.71
CA ILE A 545 -1.50 18.99 -8.51
C ILE A 545 -0.80 20.32 -8.69
N THR A 546 0.28 20.35 -9.45
CA THR A 546 1.11 21.54 -9.61
C THR A 546 0.59 22.49 -10.68
N LEU A 547 -0.62 22.29 -11.19
CA LEU A 547 -1.15 23.12 -12.26
C LEU A 547 -2.32 23.95 -11.78
N SER A 548 -2.59 25.04 -12.50
CA SER A 548 -3.71 25.90 -12.21
C SER A 548 -5.03 25.21 -12.55
N GLY A 549 -6.12 25.73 -11.96
CA GLY A 549 -7.43 25.19 -12.27
C GLY A 549 -7.79 25.34 -13.74
N GLY A 550 -7.52 26.52 -14.30
CA GLY A 550 -7.83 26.74 -15.71
C GLY A 550 -6.86 26.11 -16.67
N GLN A 551 -5.59 25.96 -16.26
CA GLN A 551 -4.63 25.28 -17.12
C GLN A 551 -4.98 23.81 -17.29
N ARG A 552 -5.45 23.16 -16.23
CA ARG A 552 -5.91 21.79 -16.36
C ARG A 552 -7.14 21.68 -17.25
N ALA A 553 -8.01 22.69 -17.23
CA ALA A 553 -9.18 22.66 -18.09
C ALA A 553 -8.80 22.68 -19.56
N ARG A 554 -7.82 23.51 -19.93
CA ARG A 554 -7.41 23.60 -21.33
C ARG A 554 -6.76 22.31 -21.81
N ILE A 555 -5.93 21.68 -20.97
CA ILE A 555 -5.24 20.46 -21.38
C ILE A 555 -6.24 19.34 -21.62
N SER A 556 -7.24 19.23 -20.74
CA SER A 556 -8.30 18.24 -20.95
C SER A 556 -9.11 18.57 -22.20
N LEU A 557 -9.40 19.86 -22.43
CA LEU A 557 -10.11 20.25 -23.64
C LEU A 557 -9.26 20.00 -24.88
N ALA A 558 -7.96 20.31 -24.81
CA ALA A 558 -7.10 20.14 -25.98
C ALA A 558 -7.00 18.67 -26.38
N ARG A 559 -6.98 17.77 -25.40
CA ARG A 559 -6.95 16.35 -25.71
C ARG A 559 -8.20 15.90 -26.45
N ALA A 560 -9.37 16.38 -26.03
CA ALA A 560 -10.62 15.94 -26.65
C ALA A 560 -10.68 16.33 -28.11
N VAL A 561 -10.25 17.55 -28.44
CA VAL A 561 -10.37 18.03 -29.81
C VAL A 561 -9.26 17.50 -30.71
N TYR A 562 -8.16 17.01 -30.15
CA TYR A 562 -7.05 16.53 -30.96
C TYR A 562 -7.43 15.29 -31.76
N LYS A 563 -8.04 14.32 -31.09
CA LYS A 563 -8.31 13.02 -31.70
C LYS A 563 -9.52 13.08 -32.63
N ASP A 564 -9.40 12.36 -33.76
CA ASP A 564 -10.49 12.28 -34.72
C ASP A 564 -11.62 11.43 -34.17
N ALA A 565 -12.84 11.95 -34.23
CA ALA A 565 -14.03 11.22 -33.79
C ALA A 565 -15.19 11.58 -34.71
N ASP A 566 -16.23 10.74 -34.68
CA ASP A 566 -17.44 11.05 -35.43
C ASP A 566 -18.22 12.20 -34.80
N LEU A 567 -18.23 12.30 -33.47
CA LEU A 567 -18.93 13.38 -32.79
C LEU A 567 -18.18 13.73 -31.51
N TYR A 568 -18.28 15.00 -31.12
CA TYR A 568 -17.59 15.54 -29.96
C TYR A 568 -18.61 16.00 -28.93
N LEU A 569 -18.42 15.59 -27.67
CA LEU A 569 -19.28 15.97 -26.56
C LEU A 569 -18.45 16.78 -25.57
N LEU A 570 -18.64 18.09 -25.57
CA LEU A 570 -17.91 19.01 -24.69
C LEU A 570 -18.78 19.34 -23.49
N ASP A 571 -18.54 18.68 -22.37
CA ASP A 571 -19.35 18.82 -21.16
C ASP A 571 -18.86 20.00 -20.35
N SER A 572 -19.33 21.19 -20.71
CA SER A 572 -19.13 22.44 -19.96
C SER A 572 -17.65 22.71 -19.69
N PRO A 573 -16.86 22.99 -20.73
CA PRO A 573 -15.42 23.23 -20.52
C PRO A 573 -15.09 24.61 -19.98
N PHE A 574 -16.01 25.57 -20.05
CA PHE A 574 -15.73 26.96 -19.71
C PHE A 574 -15.97 27.28 -18.24
N GLY A 575 -15.94 26.28 -17.36
CA GLY A 575 -16.20 26.54 -15.96
C GLY A 575 -15.14 27.41 -15.30
N TYR A 576 -13.87 27.14 -15.57
CA TYR A 576 -12.78 27.86 -14.90
C TYR A 576 -12.20 28.99 -15.72
N LEU A 577 -12.54 29.08 -17.01
CA LEU A 577 -11.95 30.07 -17.90
C LEU A 577 -12.64 31.42 -17.74
N ASP A 578 -11.84 32.49 -17.68
CA ASP A 578 -12.39 33.84 -17.59
C ASP A 578 -13.03 34.25 -18.91
N VAL A 579 -13.80 35.33 -18.85
CA VAL A 579 -14.63 35.73 -19.99
C VAL A 579 -13.77 36.05 -21.21
N LEU A 580 -12.65 36.76 -21.01
CA LEU A 580 -11.84 37.20 -22.13
C LEU A 580 -11.30 36.03 -22.94
N THR A 581 -10.75 35.02 -22.25
CA THR A 581 -10.24 33.84 -22.94
C THR A 581 -11.36 32.92 -23.42
N GLU A 582 -12.52 32.95 -22.74
CA GLU A 582 -13.63 32.10 -23.15
C GLU A 582 -14.07 32.42 -24.58
N LYS A 583 -14.19 33.72 -24.90
CA LYS A 583 -14.57 34.09 -26.25
C LYS A 583 -13.51 33.69 -27.27
N GLU A 584 -12.24 33.89 -26.95
CA GLU A 584 -11.18 33.56 -27.89
C GLU A 584 -11.14 32.07 -28.20
N ILE A 585 -11.29 31.23 -27.18
CA ILE A 585 -11.34 29.79 -27.40
C ILE A 585 -12.60 29.42 -28.19
N PHE A 586 -13.73 30.01 -27.83
CA PHE A 586 -14.98 29.68 -28.50
C PHE A 586 -14.95 30.07 -29.97
N GLU A 587 -14.29 31.19 -30.31
CA GLU A 587 -14.29 31.66 -31.68
C GLU A 587 -13.20 31.00 -32.53
N SER A 588 -12.14 30.48 -31.92
CA SER A 588 -11.02 29.93 -32.68
C SER A 588 -10.91 28.42 -32.63
N CYS A 589 -11.57 27.76 -31.68
CA CYS A 589 -11.53 26.30 -31.59
C CYS A 589 -12.88 25.67 -31.87
N VAL A 590 -13.94 26.09 -31.16
CA VAL A 590 -15.26 25.49 -31.36
C VAL A 590 -15.83 25.92 -32.72
N CYS A 591 -15.70 27.20 -33.06
CA CYS A 591 -16.34 27.74 -34.26
C CYS A 591 -15.42 27.78 -35.48
N LYS A 592 -14.13 27.50 -35.33
CA LYS A 592 -13.19 27.59 -36.43
C LYS A 592 -12.60 26.24 -36.83
N LEU A 593 -12.02 25.50 -35.88
CA LEU A 593 -11.39 24.23 -36.22
C LEU A 593 -12.42 23.18 -36.59
N MET A 594 -13.26 22.79 -35.64
CA MET A 594 -14.28 21.77 -35.88
C MET A 594 -15.58 22.40 -36.36
N ALA A 595 -15.49 23.22 -37.41
CA ALA A 595 -16.67 23.86 -37.96
C ALA A 595 -17.52 22.92 -38.82
N ASN A 596 -16.99 21.76 -39.19
CA ASN A 596 -17.68 20.86 -40.11
C ASN A 596 -17.82 19.46 -39.53
N LYS A 597 -17.85 19.34 -38.20
CA LYS A 597 -18.06 18.06 -37.53
C LYS A 597 -19.17 18.23 -36.51
N THR A 598 -20.02 17.20 -36.39
CA THR A 598 -21.12 17.25 -35.43
C THR A 598 -20.56 17.36 -34.02
N ARG A 599 -21.09 18.31 -33.25
CA ARG A 599 -20.57 18.60 -31.92
C ARG A 599 -21.70 19.00 -31.00
N ILE A 600 -21.70 18.43 -29.79
CA ILE A 600 -22.69 18.74 -28.76
C ILE A 600 -21.99 19.49 -27.66
N LEU A 601 -22.46 20.72 -27.40
CA LEU A 601 -21.86 21.59 -26.40
C LEU A 601 -22.86 21.86 -25.29
N VAL A 602 -22.43 21.72 -24.05
CA VAL A 602 -23.23 22.03 -22.87
C VAL A 602 -22.80 23.39 -22.35
N THR A 603 -23.74 24.34 -22.28
CA THR A 603 -23.40 25.69 -21.88
C THR A 603 -24.65 26.41 -21.43
N SER A 604 -24.47 27.35 -20.50
CA SER A 604 -25.54 28.20 -20.02
C SER A 604 -25.45 29.64 -20.52
N LYS A 605 -24.33 30.03 -21.12
CA LYS A 605 -24.15 31.40 -21.57
C LYS A 605 -25.12 31.74 -22.68
N MET A 606 -25.83 32.86 -22.52
CA MET A 606 -26.86 33.26 -23.49
C MET A 606 -26.25 33.51 -24.86
N GLU A 607 -25.08 34.13 -24.92
CA GLU A 607 -24.47 34.47 -26.20
C GLU A 607 -24.04 33.24 -26.99
N HIS A 608 -23.71 32.14 -26.32
CA HIS A 608 -23.31 30.94 -27.03
C HIS A 608 -24.49 30.25 -27.71
N LEU A 609 -25.71 30.45 -27.19
CA LEU A 609 -26.87 29.77 -27.77
C LEU A 609 -27.17 30.29 -29.18
N LYS A 610 -27.02 31.59 -29.40
CA LYS A 610 -27.42 32.16 -30.70
C LYS A 610 -26.52 31.71 -31.83
N LYS A 611 -25.31 31.24 -31.53
CA LYS A 611 -24.38 30.76 -32.54
C LYS A 611 -24.50 29.26 -32.79
N ALA A 612 -25.44 28.59 -32.14
CA ALA A 612 -25.69 27.18 -32.33
C ALA A 612 -26.81 26.98 -33.35
N ASP A 613 -26.95 25.75 -33.82
CA ASP A 613 -27.99 25.44 -34.80
C ASP A 613 -29.30 25.05 -34.14
N LYS A 614 -29.25 24.16 -33.15
CA LYS A 614 -30.43 23.73 -32.42
C LYS A 614 -30.14 23.76 -30.93
N ILE A 615 -31.18 24.07 -30.15
CA ILE A 615 -31.05 24.28 -28.71
C ILE A 615 -32.00 23.33 -27.99
N LEU A 616 -31.57 22.83 -26.84
CA LEU A 616 -32.38 21.94 -26.02
C LEU A 616 -32.23 22.36 -24.57
N ILE A 617 -33.32 22.83 -23.96
CA ILE A 617 -33.31 23.28 -22.57
C ILE A 617 -34.05 22.25 -21.72
N LEU A 618 -33.40 21.78 -20.67
CA LEU A 618 -33.98 20.83 -19.74
C LEU A 618 -34.48 21.57 -18.51
N HIS A 619 -35.78 21.51 -18.25
CA HIS A 619 -36.34 22.27 -17.13
C HIS A 619 -36.04 21.62 -15.80
N GLU A 620 -36.64 20.45 -15.54
CA GLU A 620 -36.24 19.54 -14.47
C GLU A 620 -36.31 18.12 -15.02
N GLY A 621 -35.23 17.68 -15.65
CA GLY A 621 -35.23 16.36 -16.24
C GLY A 621 -36.27 16.18 -17.33
N SER A 622 -36.64 17.25 -18.02
CA SER A 622 -37.63 17.18 -19.07
C SER A 622 -37.46 18.39 -19.98
N SER A 623 -37.62 18.17 -21.29
CA SER A 623 -37.37 19.19 -22.29
C SER A 623 -38.47 20.24 -22.22
N TYR A 624 -38.16 21.40 -21.63
CA TYR A 624 -39.10 22.51 -21.62
C TYR A 624 -39.19 23.18 -22.99
N PHE A 625 -38.05 23.40 -23.64
CA PHE A 625 -38.00 24.04 -24.94
C PHE A 625 -37.07 23.27 -25.86
N TYR A 626 -37.44 23.19 -27.14
CA TYR A 626 -36.58 22.61 -28.16
C TYR A 626 -36.82 23.35 -29.47
N GLY A 627 -35.75 23.75 -30.14
CA GLY A 627 -35.87 24.46 -31.39
C GLY A 627 -34.69 25.39 -31.61
N THR A 628 -34.72 26.06 -32.76
CA THR A 628 -33.66 26.99 -33.13
C THR A 628 -33.77 28.28 -32.34
N PHE A 629 -32.70 29.08 -32.41
CA PHE A 629 -32.66 30.34 -31.67
C PHE A 629 -33.66 31.35 -32.22
N SER A 630 -33.98 31.28 -33.52
CA SER A 630 -34.90 32.25 -34.11
C SER A 630 -36.28 32.17 -33.47
N GLU A 631 -36.73 30.96 -33.14
CA GLU A 631 -38.04 30.74 -32.53
C GLU A 631 -37.97 30.67 -31.01
N LEU A 632 -36.91 31.20 -30.41
CA LEU A 632 -36.77 31.21 -28.96
C LEU A 632 -37.23 32.51 -28.33
N GLN A 633 -37.23 33.61 -29.08
CA GLN A 633 -37.60 34.90 -28.51
C GLN A 633 -39.09 34.95 -28.16
N ASN A 634 -39.94 34.37 -29.01
CA ASN A 634 -41.38 34.45 -28.76
C ASN A 634 -41.80 33.63 -27.57
N LEU A 635 -41.09 32.54 -27.29
CA LEU A 635 -41.45 31.65 -26.19
C LEU A 635 -40.55 31.86 -24.98
N TRP A 845 22.46 -0.37 12.32
CA TRP A 845 23.35 0.60 12.96
C TRP A 845 22.62 1.35 14.05
N ASN A 846 22.72 2.68 14.02
CA ASN A 846 22.13 3.51 15.07
C ASN A 846 20.61 3.55 15.01
N THR A 847 20.00 3.05 13.93
CA THR A 847 18.54 2.94 13.90
C THR A 847 18.04 2.00 14.97
N TYR A 848 18.76 0.89 15.20
CA TYR A 848 18.37 -0.06 16.22
C TYR A 848 18.41 0.56 17.60
N LEU A 849 19.42 1.40 17.85
CA LEU A 849 19.52 2.05 19.15
C LEU A 849 18.31 2.94 19.42
N ARG A 850 17.84 3.66 18.39
CA ARG A 850 16.71 4.57 18.57
C ARG A 850 15.38 3.82 18.64
N TYR A 851 15.26 2.70 17.94
CA TYR A 851 14.02 1.94 17.98
C TYR A 851 13.75 1.40 19.37
N ILE A 852 14.79 1.00 20.09
CA ILE A 852 14.62 0.40 21.41
C ILE A 852 14.27 1.46 22.45
N THR A 853 14.99 2.58 22.44
CA THR A 853 14.89 3.55 23.53
C THR A 853 13.77 4.57 23.35
N VAL A 854 12.97 4.45 22.28
CA VAL A 854 11.89 5.41 22.10
C VAL A 854 10.84 5.25 23.19
N HIS A 855 10.75 4.08 23.81
CA HIS A 855 9.73 3.83 24.82
C HIS A 855 10.21 4.02 26.24
N LYS A 856 11.48 3.71 26.52
CA LYS A 856 12.09 3.83 27.84
C LYS A 856 11.50 2.82 28.82
N SER A 857 10.53 2.02 28.36
CA SER A 857 10.03 0.88 29.11
C SER A 857 10.49 -0.45 28.52
N LEU A 858 10.86 -0.45 27.23
CA LEU A 858 11.42 -1.65 26.62
C LEU A 858 12.79 -1.98 27.20
N ILE A 859 13.49 -0.98 27.73
CA ILE A 859 14.80 -1.21 28.34
C ILE A 859 14.68 -2.17 29.52
N PHE A 860 13.68 -1.94 30.37
CA PHE A 860 13.54 -2.77 31.57
C PHE A 860 13.15 -4.20 31.24
N VAL A 861 12.32 -4.39 30.21
CA VAL A 861 11.91 -5.74 29.82
C VAL A 861 13.10 -6.52 29.28
N LEU A 862 13.91 -5.89 28.43
CA LEU A 862 15.07 -6.58 27.87
C LEU A 862 16.07 -6.95 28.95
N ILE A 863 16.27 -6.07 29.94
CA ILE A 863 17.13 -6.40 31.08
C ILE A 863 16.56 -7.57 31.86
N TRP A 864 15.23 -7.57 32.08
CA TRP A 864 14.60 -8.67 32.81
C TRP A 864 14.79 -10.00 32.11
N CYS A 865 14.68 -10.02 30.79
CA CYS A 865 14.90 -11.26 30.04
C CYS A 865 16.34 -11.74 30.19
N LEU A 866 17.30 -10.81 30.14
CA LEU A 866 18.70 -11.21 30.28
C LEU A 866 19.00 -11.76 31.66
N VAL A 867 18.49 -11.11 32.72
CA VAL A 867 18.81 -11.53 34.08
C VAL A 867 18.29 -12.94 34.35
N ILE A 868 17.06 -13.24 33.91
CA ILE A 868 16.54 -14.60 34.05
C ILE A 868 17.38 -15.57 33.23
N PHE A 869 17.82 -15.16 32.04
CA PHE A 869 18.62 -16.04 31.20
C PHE A 869 19.91 -16.46 31.90
N LEU A 870 20.56 -15.52 32.59
CA LEU A 870 21.77 -15.86 33.32
C LEU A 870 21.46 -16.79 34.49
N ALA A 871 20.28 -16.65 35.10
CA ALA A 871 19.92 -17.52 36.22
C ALA A 871 19.75 -18.96 35.77
N GLU A 872 19.13 -19.19 34.61
CA GLU A 872 18.97 -20.54 34.09
C GLU A 872 20.31 -21.14 33.68
N VAL A 873 21.19 -20.33 33.08
CA VAL A 873 22.52 -20.80 32.70
C VAL A 873 23.31 -21.19 33.94
N ALA A 874 23.23 -20.39 35.00
CA ALA A 874 23.95 -20.71 36.22
C ALA A 874 23.47 -22.01 36.82
N ALA A 875 22.16 -22.26 36.78
CA ALA A 875 21.63 -23.54 37.26
C ALA A 875 22.08 -24.70 36.37
N SER A 876 22.11 -24.49 35.06
CA SER A 876 22.51 -25.57 34.15
C SER A 876 23.97 -25.96 34.39
N LEU A 877 24.82 -24.97 34.68
CA LEU A 877 26.23 -25.26 34.90
C LEU A 877 26.44 -26.10 36.15
N VAL A 878 25.80 -25.72 37.26
CA VAL A 878 26.05 -26.42 38.52
C VAL A 878 25.52 -27.84 38.48
N VAL A 879 24.36 -28.05 37.86
CA VAL A 879 23.77 -29.38 37.81
C VAL A 879 24.59 -30.31 36.94
N LEU A 880 25.17 -29.80 35.84
CA LEU A 880 26.06 -30.62 35.03
C LEU A 880 27.39 -30.87 35.74
N TRP A 881 27.80 -29.95 36.61
CA TRP A 881 29.02 -30.15 37.38
C TRP A 881 28.80 -31.12 38.55
N LEU A 882 27.61 -31.10 39.15
CA LEU A 882 27.31 -32.07 40.20
C LEU A 882 27.29 -33.49 39.65
N LEU A 883 26.70 -33.68 38.46
CA LEU A 883 26.74 -34.98 37.81
C LEU A 883 28.12 -35.34 37.28
N GLY A 884 29.06 -34.38 37.28
CA GLY A 884 30.41 -34.63 36.84
C GLY A 884 31.30 -35.34 37.84
N ASN A 885 30.88 -35.42 39.10
CA ASN A 885 31.63 -36.16 40.11
C ASN A 885 30.78 -37.12 40.93
N THR A 886 29.47 -37.17 40.70
CA THR A 886 28.63 -38.08 41.48
C THR A 886 28.98 -39.53 41.15
N PRO A 887 28.94 -40.42 42.14
CA PRO A 887 29.24 -41.85 41.92
C PRO A 887 28.15 -42.56 41.14
N SER A 901 21.76 -51.99 39.82
CA SER A 901 21.85 -50.91 38.84
C SER A 901 20.53 -50.16 38.75
N TYR A 902 20.63 -48.84 38.62
CA TYR A 902 19.45 -47.98 38.59
C TYR A 902 18.81 -48.00 37.22
N ALA A 903 17.76 -47.18 37.05
CA ALA A 903 17.10 -47.09 35.76
C ALA A 903 18.02 -46.57 34.67
N VAL A 904 19.00 -45.74 35.03
CA VAL A 904 19.92 -45.14 34.07
C VAL A 904 21.27 -45.83 34.23
N ILE A 905 21.66 -46.59 33.21
CA ILE A 905 22.91 -47.34 33.24
C ILE A 905 23.98 -46.49 32.55
N ILE A 906 24.84 -45.87 33.36
CA ILE A 906 25.88 -44.97 32.88
C ILE A 906 27.23 -45.55 33.26
N THR A 907 28.13 -45.64 32.29
CA THR A 907 29.47 -46.17 32.50
C THR A 907 30.51 -45.07 32.31
N SER A 908 31.71 -45.32 32.84
CA SER A 908 32.78 -44.32 32.76
C SER A 908 33.15 -44.02 31.32
N THR A 909 33.17 -45.04 30.47
CA THR A 909 33.56 -44.85 29.07
C THR A 909 32.44 -44.32 28.19
N SER A 910 31.22 -44.19 28.73
CA SER A 910 30.08 -43.68 27.97
C SER A 910 29.46 -42.46 28.65
N SER A 911 30.23 -41.73 29.45
CA SER A 911 29.70 -40.59 30.18
C SER A 911 29.57 -39.33 29.34
N TYR A 912 30.21 -39.29 28.17
CA TYR A 912 30.20 -38.08 27.34
C TYR A 912 28.82 -37.74 26.81
N TYR A 913 27.86 -38.68 26.88
CA TYR A 913 26.51 -38.42 26.40
C TYR A 913 25.78 -37.36 27.20
N VAL A 914 26.29 -37.02 28.40
CA VAL A 914 25.64 -36.01 29.22
C VAL A 914 25.57 -34.67 28.48
N PHE A 915 26.68 -34.29 27.83
CA PHE A 915 26.70 -33.03 27.10
C PHE A 915 25.80 -33.08 25.86
N TYR A 916 25.78 -34.21 25.17
CA TYR A 916 24.92 -34.33 23.99
C TYR A 916 23.45 -34.21 24.36
N ILE A 917 23.05 -34.82 25.48
CA ILE A 917 21.67 -34.76 25.91
C ILE A 917 21.29 -33.34 26.28
N TYR A 918 22.16 -32.63 26.99
CA TYR A 918 21.87 -31.26 27.41
C TYR A 918 21.67 -30.34 26.20
N VAL A 919 22.54 -30.46 25.20
CA VAL A 919 22.41 -29.63 24.00
C VAL A 919 21.12 -29.95 23.26
N GLY A 920 20.69 -31.22 23.26
CA GLY A 920 19.47 -31.58 22.58
C GLY A 920 18.22 -31.02 23.23
N VAL A 921 18.27 -30.74 24.53
CA VAL A 921 17.13 -30.23 25.27
C VAL A 921 17.37 -28.81 25.78
N ALA A 922 18.47 -28.17 25.36
CA ALA A 922 18.75 -26.82 25.80
C ALA A 922 17.69 -25.83 25.31
N ASP A 923 17.07 -26.10 24.16
CA ASP A 923 16.05 -25.21 23.65
C ASP A 923 14.87 -25.10 24.61
N THR A 924 14.50 -26.22 25.24
CA THR A 924 13.42 -26.19 26.22
C THR A 924 13.86 -25.51 27.52
N LEU A 925 15.07 -25.81 27.99
CA LEU A 925 15.55 -25.26 29.25
C LEU A 925 15.77 -23.76 29.17
N LEU A 926 16.01 -23.24 27.96
CA LEU A 926 16.22 -21.80 27.75
C LEU A 926 15.11 -21.18 26.91
N ALA A 927 13.90 -21.72 26.99
CA ALA A 927 12.76 -21.15 26.29
C ALA A 927 12.14 -20.03 27.11
N MET A 928 11.69 -18.98 26.42
CA MET A 928 11.06 -17.83 27.07
C MET A 928 9.62 -18.18 27.41
N GLY A 929 9.31 -18.27 28.70
CA GLY A 929 7.97 -18.55 29.16
C GLY A 929 7.06 -17.34 29.10
N PHE A 930 5.82 -17.54 29.55
CA PHE A 930 4.83 -16.47 29.51
C PHE A 930 5.13 -15.34 30.48
N PHE A 931 6.08 -15.51 31.40
CA PHE A 931 6.53 -14.40 32.23
C PHE A 931 7.54 -13.51 31.52
N ARG A 932 8.02 -13.90 30.36
CA ARG A 932 8.94 -13.07 29.58
C ARG A 932 8.44 -12.80 28.16
N GLY A 933 7.80 -13.77 27.53
CA GLY A 933 7.34 -13.56 26.16
C GLY A 933 6.21 -12.55 26.07
N LEU A 934 5.22 -12.66 26.93
CA LEU A 934 4.08 -11.76 26.87
C LEU A 934 4.48 -10.31 27.14
N PRO A 935 5.29 -10.01 28.16
CA PRO A 935 5.75 -8.61 28.31
C PRO A 935 6.51 -8.11 27.09
N LEU A 936 7.34 -8.95 26.49
CA LEU A 936 8.11 -8.52 25.32
C LEU A 936 7.21 -8.22 24.14
N VAL A 937 6.23 -9.08 23.88
CA VAL A 937 5.31 -8.85 22.76
C VAL A 937 4.46 -7.61 23.02
N HIS A 938 4.00 -7.44 24.26
CA HIS A 938 3.18 -6.27 24.60
C HIS A 938 3.96 -4.97 24.42
N THR A 939 5.21 -4.93 24.87
CA THR A 939 5.97 -3.69 24.82
C THR A 939 6.38 -3.34 23.38
N LEU A 940 6.62 -4.34 22.54
CA LEU A 940 7.01 -4.04 21.17
C LEU A 940 5.86 -3.44 20.38
N ILE A 941 4.62 -3.77 20.72
CA ILE A 941 3.48 -3.24 19.98
C ILE A 941 3.26 -1.78 20.29
N THR A 942 3.40 -1.39 21.56
CA THR A 942 3.16 0.01 21.90
C THR A 942 4.25 0.92 21.37
N VAL A 943 5.38 0.37 20.94
CA VAL A 943 6.38 1.17 20.22
C VAL A 943 5.83 1.63 18.88
N SER A 944 5.10 0.75 18.21
CA SER A 944 4.45 1.13 16.95
C SER A 944 3.43 2.23 17.17
N LYS A 945 2.67 2.15 18.26
CA LYS A 945 1.72 3.21 18.59
C LYS A 945 2.43 4.54 18.80
N ILE A 946 3.56 4.53 19.51
CA ILE A 946 4.29 5.76 19.77
C ILE A 946 4.82 6.36 18.48
N LEU A 947 5.41 5.53 17.62
CA LEU A 947 5.99 6.04 16.37
C LEU A 947 4.90 6.61 15.46
N HIS A 948 3.72 5.99 15.45
CA HIS A 948 2.63 6.52 14.64
C HIS A 948 2.21 7.90 15.11
N HIS A 949 2.14 8.09 16.44
CA HIS A 949 1.71 9.37 16.97
C HIS A 949 2.68 10.48 16.58
N LYS A 950 3.98 10.23 16.71
CA LYS A 950 4.96 11.25 16.34
C LYS A 950 4.91 11.57 14.85
N MET A 951 4.79 10.55 14.01
CA MET A 951 4.72 10.79 12.57
C MET A 951 3.46 11.56 12.21
N LEU A 952 2.32 11.18 12.79
CA LEU A 952 1.08 11.90 12.53
C LEU A 952 1.14 13.33 13.06
N HIS A 953 1.87 13.54 14.16
CA HIS A 953 2.05 14.90 14.68
C HIS A 953 3.01 15.70 13.80
N SER A 954 4.00 15.04 13.22
CA SER A 954 5.00 15.75 12.41
C SER A 954 4.41 16.20 11.07
N VAL A 955 3.59 15.36 10.44
CA VAL A 955 3.04 15.69 9.14
C VAL A 955 2.14 16.92 9.24
N LEU A 956 1.30 16.98 10.26
CA LEU A 956 0.38 18.10 10.41
C LEU A 956 1.09 19.40 10.82
N GLN A 957 2.37 19.35 11.16
CA GLN A 957 3.13 20.52 11.57
C GLN A 957 4.40 20.66 10.75
N ALA A 958 4.30 20.46 9.44
CA ALA A 958 5.44 20.60 8.56
C ALA A 958 5.21 21.71 7.54
N PRO A 959 6.26 22.43 7.14
CA PRO A 959 6.10 23.44 6.08
C PRO A 959 5.54 22.84 4.80
N MET A 960 4.67 23.61 4.15
CA MET A 960 3.97 23.11 2.96
C MET A 960 4.95 22.80 1.83
N SER A 961 6.03 23.58 1.73
CA SER A 961 7.01 23.37 0.68
C SER A 961 7.59 21.96 0.72
N THR A 962 7.91 21.47 1.93
CA THR A 962 8.47 20.14 2.08
C THR A 962 7.51 19.06 1.59
N LEU A 963 6.22 19.23 1.88
CA LEU A 963 5.24 18.22 1.47
C LEU A 963 4.99 18.23 -0.03
N ASN A 964 5.16 19.39 -0.68
CA ASN A 964 4.97 19.45 -2.13
C ASN A 964 6.10 18.79 -2.90
N THR A 965 7.28 18.62 -2.29
CA THR A 965 8.39 17.98 -2.98
C THR A 965 8.24 16.48 -3.09
N LEU A 966 7.29 15.89 -2.35
CA LEU A 966 7.09 14.46 -2.35
C LEU A 966 6.01 14.06 -3.36
N LYS A 967 5.97 12.75 -3.66
CA LYS A 967 5.01 12.23 -4.62
C LYS A 967 3.58 12.35 -4.08
N ALA A 968 2.62 12.19 -4.99
CA ALA A 968 1.22 12.35 -4.63
C ALA A 968 0.80 11.35 -3.57
N GLY A 969 0.83 10.06 -3.90
CA GLY A 969 0.37 9.03 -2.99
C GLY A 969 1.41 8.53 -2.00
N GLY A 970 2.60 9.14 -1.97
CA GLY A 970 3.63 8.66 -1.08
C GLY A 970 3.34 8.88 0.38
N ILE A 971 2.64 9.96 0.72
CA ILE A 971 2.36 10.27 2.12
C ILE A 971 1.52 9.17 2.74
N LEU A 972 0.43 8.78 2.07
CA LEU A 972 -0.46 7.77 2.63
C LEU A 972 0.20 6.40 2.70
N ASN A 973 1.18 6.14 1.85
CA ASN A 973 1.79 4.82 1.80
C ASN A 973 2.54 4.48 3.09
N ARG A 974 3.07 5.49 3.77
CA ARG A 974 3.76 5.24 5.03
C ARG A 974 2.78 4.84 6.12
N PHE A 975 1.60 5.47 6.15
CA PHE A 975 0.58 5.13 7.13
C PHE A 975 -0.15 3.84 6.79
N SER A 976 0.00 3.34 5.56
CA SER A 976 -0.72 2.16 5.11
C SER A 976 0.12 0.89 5.17
N LYS A 977 1.36 0.94 4.69
CA LYS A 977 2.25 -0.21 4.63
C LYS A 977 3.25 -0.24 5.79
N ASP A 978 3.95 0.87 6.03
CA ASP A 978 5.03 0.88 7.03
C ASP A 978 4.47 0.74 8.44
N ILE A 979 3.40 1.45 8.76
CA ILE A 979 2.81 1.34 10.10
C ILE A 979 2.22 -0.05 10.30
N ALA A 980 1.61 -0.62 9.26
CA ALA A 980 1.02 -1.94 9.39
C ALA A 980 2.07 -3.02 9.61
N ILE A 981 3.27 -2.83 9.03
CA ILE A 981 4.34 -3.81 9.23
C ILE A 981 4.81 -3.81 10.68
N LEU A 982 4.86 -2.62 11.31
CA LEU A 982 5.25 -2.53 12.71
C LEU A 982 4.22 -3.14 13.64
N ASP A 983 2.99 -3.36 13.18
CA ASP A 983 1.96 -3.93 14.04
C ASP A 983 1.97 -5.45 14.03
N ASP A 984 2.42 -6.07 12.94
CA ASP A 984 2.28 -7.51 12.76
C ASP A 984 3.60 -8.24 12.61
N LEU A 985 4.51 -7.75 11.77
CA LEU A 985 5.69 -8.54 11.43
C LEU A 985 6.80 -8.38 12.46
N LEU A 986 7.17 -7.15 12.79
CA LEU A 986 8.29 -6.94 13.70
C LEU A 986 8.08 -7.55 15.08
N PRO A 987 6.94 -7.39 15.76
CA PRO A 987 6.86 -7.93 17.14
C PRO A 987 7.13 -9.41 17.24
N LEU A 988 6.76 -10.19 16.22
CA LEU A 988 6.98 -11.63 16.27
C LEU A 988 8.32 -12.03 15.67
N THR A 989 8.75 -11.36 14.59
CA THR A 989 10.02 -11.71 13.99
C THR A 989 11.19 -11.41 14.93
N ILE A 990 11.12 -10.28 15.64
CA ILE A 990 12.15 -9.96 16.62
C ILE A 990 12.15 -11.00 17.75
N PHE A 991 10.96 -11.38 18.21
CA PHE A 991 10.88 -12.36 19.29
C PHE A 991 11.49 -13.69 18.86
N ASP A 992 11.18 -14.13 17.64
CA ASP A 992 11.73 -15.38 17.15
C ASP A 992 13.25 -15.30 16.98
N PHE A 993 13.74 -14.17 16.45
CA PHE A 993 15.18 -14.00 16.28
C PHE A 993 15.91 -14.01 17.62
N ILE A 994 15.37 -13.31 18.62
CA ILE A 994 16.01 -13.27 19.93
C ILE A 994 15.99 -14.64 20.58
N GLN A 995 14.88 -15.36 20.45
CA GLN A 995 14.76 -16.69 21.06
C GLN A 995 15.83 -17.64 20.52
N LEU A 996 16.01 -17.68 19.21
CA LEU A 996 17.01 -18.57 18.62
C LEU A 996 18.42 -18.15 19.03
N LEU A 997 18.71 -16.86 18.97
CA LEU A 997 20.04 -16.40 19.33
C LEU A 997 20.35 -16.69 20.79
N LEU A 998 19.37 -16.50 21.66
CA LEU A 998 19.59 -16.75 23.08
C LEU A 998 19.87 -18.22 23.36
N ILE A 999 19.22 -19.11 22.63
CA ILE A 999 19.47 -20.54 22.81
C ILE A 999 20.90 -20.90 22.42
N VAL A 1000 21.38 -20.36 21.29
CA VAL A 1000 22.73 -20.68 20.84
C VAL A 1000 23.76 -20.20 21.85
N ILE A 1001 23.59 -18.99 22.37
CA ILE A 1001 24.54 -18.45 23.34
C ILE A 1001 24.54 -19.30 24.61
N GLY A 1002 23.35 -19.70 25.07
CA GLY A 1002 23.25 -20.49 26.27
C GLY A 1002 23.81 -21.89 26.12
N ALA A 1003 23.54 -22.53 24.99
CA ALA A 1003 24.05 -23.88 24.77
C ALA A 1003 25.56 -23.88 24.60
N ILE A 1004 26.11 -22.84 23.98
CA ILE A 1004 27.55 -22.81 23.72
C ILE A 1004 28.35 -22.31 24.91
N ALA A 1005 27.72 -21.61 25.86
CA ALA A 1005 28.44 -21.09 27.02
C ALA A 1005 28.50 -22.08 28.17
N VAL A 1006 27.62 -23.09 28.18
CA VAL A 1006 27.59 -24.06 29.27
C VAL A 1006 28.47 -25.26 28.98
N VAL A 1007 28.43 -25.79 27.75
CA VAL A 1007 29.29 -26.91 27.41
C VAL A 1007 30.74 -26.49 27.23
N ALA A 1008 31.00 -25.21 26.97
CA ALA A 1008 32.37 -24.77 26.72
C ALA A 1008 33.13 -24.46 28.00
N VAL A 1009 32.45 -24.13 29.09
CA VAL A 1009 33.18 -23.84 30.32
C VAL A 1009 33.74 -25.12 30.93
N LEU A 1010 33.02 -26.23 30.85
CA LEU A 1010 33.55 -27.49 31.37
C LEU A 1010 34.66 -28.03 30.48
N GLN A 1011 34.52 -27.87 29.17
CA GLN A 1011 35.51 -28.34 28.20
C GLN A 1011 35.94 -27.17 27.33
N PRO A 1012 37.00 -26.47 27.70
CA PRO A 1012 37.42 -25.25 26.99
C PRO A 1012 38.11 -25.52 25.65
N TYR A 1013 37.50 -26.39 24.84
CA TYR A 1013 37.94 -26.61 23.46
C TYR A 1013 36.82 -26.56 22.45
N ILE A 1014 35.57 -26.80 22.84
CA ILE A 1014 34.46 -26.72 21.91
C ILE A 1014 34.32 -25.31 21.36
N PHE A 1015 34.49 -24.31 22.21
CA PHE A 1015 34.39 -22.92 21.77
C PHE A 1015 35.42 -22.60 20.70
N VAL A 1016 36.63 -23.14 20.82
CA VAL A 1016 37.66 -22.87 19.83
C VAL A 1016 37.34 -23.58 18.52
N ALA A 1017 36.93 -24.85 18.58
CA ALA A 1017 36.68 -25.62 17.37
C ALA A 1017 35.51 -25.08 16.57
N THR A 1018 34.61 -24.33 17.18
CA THR A 1018 33.45 -23.78 16.50
C THR A 1018 33.65 -22.35 16.05
N VAL A 1019 34.85 -21.80 16.22
CA VAL A 1019 35.12 -20.46 15.70
C VAL A 1019 35.03 -20.37 14.18
N PRO A 1020 35.63 -21.29 13.40
CA PRO A 1020 35.55 -21.13 11.93
C PRO A 1020 34.14 -21.10 11.39
N VAL A 1021 33.23 -21.89 11.97
CA VAL A 1021 31.86 -21.93 11.46
C VAL A 1021 31.16 -20.61 11.71
N ILE A 1022 31.37 -20.02 12.88
CA ILE A 1022 30.71 -18.75 13.21
C ILE A 1022 31.21 -17.63 12.31
N VAL A 1023 32.53 -17.56 12.11
CA VAL A 1023 33.09 -16.50 11.28
C VAL A 1023 32.65 -16.65 9.83
N ALA A 1024 32.61 -17.88 9.32
CA ALA A 1024 32.21 -18.10 7.94
C ALA A 1024 30.78 -17.63 7.70
N PHE A 1025 29.87 -17.89 8.65
CA PHE A 1025 28.50 -17.43 8.49
C PHE A 1025 28.38 -15.92 8.58
N ILE A 1026 29.32 -15.26 9.26
CA ILE A 1026 29.23 -13.81 9.44
C ILE A 1026 29.83 -13.07 8.25
N MET A 1027 30.99 -13.53 7.77
CA MET A 1027 31.60 -12.87 6.62
C MET A 1027 30.77 -13.05 5.35
N LEU A 1028 30.07 -14.18 5.22
CA LEU A 1028 29.18 -14.36 4.09
C LEU A 1028 27.98 -13.43 4.19
N ARG A 1029 27.46 -13.23 5.40
CA ARG A 1029 26.30 -12.37 5.59
C ARG A 1029 26.61 -10.93 5.23
N ALA A 1030 27.78 -10.42 5.63
CA ALA A 1030 28.13 -9.04 5.32
C ALA A 1030 28.33 -8.82 3.83
N TYR A 1031 28.75 -9.86 3.10
CA TYR A 1031 28.96 -9.75 1.67
C TYR A 1031 27.64 -9.72 0.91
N PHE A 1032 26.70 -10.58 1.29
CA PHE A 1032 25.42 -10.66 0.60
C PHE A 1032 24.54 -9.45 0.87
N LEU A 1033 24.56 -8.93 2.10
CA LEU A 1033 23.63 -7.87 2.47
C LEU A 1033 23.85 -6.59 1.68
N GLN A 1034 25.07 -6.35 1.21
CA GLN A 1034 25.33 -5.15 0.43
C GLN A 1034 24.47 -5.13 -0.84
N THR A 1035 24.44 -6.24 -1.57
CA THR A 1035 23.66 -6.30 -2.81
C THR A 1035 22.18 -6.49 -2.53
N SER A 1036 21.83 -7.26 -1.50
CA SER A 1036 20.42 -7.55 -1.23
C SER A 1036 19.65 -6.28 -0.91
N GLN A 1037 20.21 -5.40 -0.08
CA GLN A 1037 19.51 -4.19 0.29
C GLN A 1037 19.25 -3.29 -0.92
N GLN A 1038 20.23 -3.20 -1.82
CA GLN A 1038 20.06 -2.35 -3.00
C GLN A 1038 18.94 -2.85 -3.89
N LEU A 1039 18.87 -4.16 -4.12
CA LEU A 1039 17.80 -4.71 -4.94
C LEU A 1039 16.44 -4.56 -4.27
N LYS A 1040 16.40 -4.68 -2.93
CA LYS A 1040 15.15 -4.52 -2.22
C LYS A 1040 14.60 -3.11 -2.38
N GLN A 1041 15.47 -2.09 -2.34
CA GLN A 1041 15.01 -0.72 -2.52
C GLN A 1041 14.45 -0.50 -3.92
N LEU A 1042 15.12 -1.05 -4.94
CA LEU A 1042 14.60 -0.94 -6.30
C LEU A 1042 13.27 -1.67 -6.44
N GLU A 1043 13.18 -2.87 -5.86
CA GLU A 1043 11.95 -3.65 -5.95
C GLU A 1043 10.77 -2.94 -5.30
N SER A 1044 10.98 -2.38 -4.11
CA SER A 1044 9.90 -1.71 -3.39
C SER A 1044 9.44 -0.46 -4.11
N GLU A 1045 10.36 0.29 -4.72
CA GLU A 1045 9.99 1.50 -5.43
C GLU A 1045 9.30 1.20 -6.75
N GLY A 1046 9.45 -0.02 -7.26
CA GLY A 1046 8.83 -0.40 -8.52
C GLY A 1046 7.34 -0.65 -8.46
N ARG A 1047 6.74 -0.62 -7.27
CA ARG A 1047 5.33 -0.92 -7.12
C ARG A 1047 4.44 0.31 -7.18
N SER A 1048 4.97 1.49 -6.87
CA SER A 1048 4.16 2.70 -6.94
C SER A 1048 3.63 3.01 -8.34
N PRO A 1049 4.42 2.93 -9.43
CA PRO A 1049 3.84 3.18 -10.75
C PRO A 1049 2.72 2.21 -11.12
N ILE A 1050 2.74 0.99 -10.59
CA ILE A 1050 1.68 0.04 -10.89
C ILE A 1050 0.35 0.52 -10.30
N PHE A 1051 0.36 0.93 -9.04
CA PHE A 1051 -0.88 1.38 -8.41
C PHE A 1051 -1.34 2.71 -8.98
N THR A 1052 -0.41 3.56 -9.40
CA THR A 1052 -0.80 4.84 -9.98
C THR A 1052 -1.56 4.64 -11.29
N HIS A 1053 -1.12 3.69 -12.11
CA HIS A 1053 -1.81 3.42 -13.36
C HIS A 1053 -3.24 2.96 -13.13
N LEU A 1054 -3.44 2.13 -12.10
CA LEU A 1054 -4.79 1.68 -11.77
C LEU A 1054 -5.67 2.83 -11.32
N VAL A 1055 -5.12 3.76 -10.54
CA VAL A 1055 -5.91 4.87 -10.02
C VAL A 1055 -6.32 5.81 -11.15
N THR A 1056 -5.36 6.19 -12.00
CA THR A 1056 -5.66 7.19 -13.04
C THR A 1056 -6.56 6.63 -14.13
N SER A 1057 -6.52 5.32 -14.35
CA SER A 1057 -7.37 4.72 -15.37
C SER A 1057 -8.81 4.57 -14.91
N LEU A 1058 -9.11 4.90 -13.65
CA LEU A 1058 -10.48 4.90 -13.17
C LEU A 1058 -11.13 6.27 -13.23
N LYS A 1059 -10.36 7.33 -13.02
CA LYS A 1059 -10.93 8.67 -13.13
C LYS A 1059 -11.34 8.99 -14.56
N GLY A 1060 -10.56 8.52 -15.53
CA GLY A 1060 -10.84 8.77 -16.92
C GLY A 1060 -11.48 7.59 -17.63
N LEU A 1061 -12.11 6.70 -16.88
CA LEU A 1061 -12.63 5.47 -17.47
C LEU A 1061 -13.70 5.76 -18.51
N TRP A 1062 -14.55 6.75 -18.26
CA TRP A 1062 -15.61 7.06 -19.21
C TRP A 1062 -15.07 7.55 -20.54
N THR A 1063 -13.94 8.28 -20.52
CA THR A 1063 -13.32 8.72 -21.76
C THR A 1063 -12.65 7.56 -22.49
N LEU A 1064 -12.08 6.61 -21.75
CA LEU A 1064 -11.43 5.46 -22.38
C LEU A 1064 -12.42 4.63 -23.18
N ARG A 1065 -13.51 4.22 -22.54
CA ARG A 1065 -14.46 3.33 -23.22
C ARG A 1065 -15.14 4.02 -24.38
N ALA A 1066 -15.34 5.34 -24.29
CA ALA A 1066 -15.98 6.07 -25.38
C ALA A 1066 -15.16 5.97 -26.67
N PHE A 1067 -13.86 6.20 -26.57
CA PHE A 1067 -13.01 6.22 -27.76
C PHE A 1067 -12.43 4.86 -28.11
N GLY A 1068 -12.51 3.88 -27.21
CA GLY A 1068 -12.04 2.54 -27.50
C GLY A 1068 -10.53 2.42 -27.45
N ARG A 1069 -9.94 2.71 -26.28
CA ARG A 1069 -8.49 2.64 -26.10
C ARG A 1069 -8.09 1.64 -25.02
N GLN A 1070 -8.96 0.68 -24.71
CA GLN A 1070 -8.58 -0.35 -23.73
C GLN A 1070 -7.32 -1.12 -24.08
N PRO A 1071 -7.08 -1.54 -25.33
CA PRO A 1071 -5.82 -2.25 -25.61
C PRO A 1071 -4.58 -1.45 -25.27
N TYR A 1072 -4.61 -0.13 -25.46
CA TYR A 1072 -3.44 0.69 -25.14
C TYR A 1072 -3.16 0.70 -23.65
N PHE A 1073 -4.21 0.80 -22.83
CA PHE A 1073 -4.02 0.82 -21.39
C PHE A 1073 -3.64 -0.56 -20.85
N GLU A 1074 -4.14 -1.63 -21.48
CA GLU A 1074 -3.70 -2.97 -21.10
C GLU A 1074 -2.21 -3.14 -21.37
N THR A 1075 -1.73 -2.60 -22.50
CA THR A 1075 -0.30 -2.63 -22.79
C THR A 1075 0.50 -1.85 -21.76
N LEU A 1076 -0.01 -0.68 -21.35
CA LEU A 1076 0.71 0.12 -20.37
C LEU A 1076 0.78 -0.58 -19.02
N PHE A 1077 -0.31 -1.26 -18.63
CA PHE A 1077 -0.30 -1.96 -17.35
C PHE A 1077 0.67 -3.13 -17.37
N HIS A 1078 0.77 -3.84 -18.49
CA HIS A 1078 1.70 -4.95 -18.60
C HIS A 1078 3.14 -4.48 -18.50
N LYS A 1079 3.45 -3.33 -19.11
CA LYS A 1079 4.80 -2.79 -19.02
C LYS A 1079 5.17 -2.45 -17.58
N ALA A 1080 4.21 -1.96 -16.80
CA ALA A 1080 4.48 -1.67 -15.40
C ALA A 1080 4.79 -2.94 -14.61
N LEU A 1081 4.08 -4.02 -14.90
CA LEU A 1081 4.32 -5.27 -14.19
C LEU A 1081 5.71 -5.82 -14.49
N ASN A 1082 6.13 -5.78 -15.76
CA ASN A 1082 7.41 -6.35 -16.12
C ASN A 1082 8.57 -5.64 -15.41
N LEU A 1083 8.43 -4.34 -15.16
CA LEU A 1083 9.45 -3.64 -14.40
C LEU A 1083 9.53 -4.18 -12.98
N HIS A 1084 8.38 -4.35 -12.33
CA HIS A 1084 8.38 -4.90 -10.97
C HIS A 1084 8.84 -6.34 -10.94
N THR A 1085 8.49 -7.13 -11.96
CA THR A 1085 8.91 -8.52 -12.02
C THR A 1085 10.42 -8.65 -12.13
N ALA A 1086 11.05 -7.77 -12.93
CA ALA A 1086 12.49 -7.88 -13.13
C ALA A 1086 13.26 -7.70 -11.83
N ASN A 1087 12.87 -6.72 -11.02
CA ASN A 1087 13.59 -6.50 -9.76
C ASN A 1087 13.27 -7.58 -8.74
N TRP A 1088 12.01 -8.02 -8.68
CA TRP A 1088 11.63 -9.05 -7.72
C TRP A 1088 12.32 -10.38 -8.01
N PHE A 1089 12.39 -10.76 -9.28
CA PHE A 1089 13.00 -12.03 -9.65
C PHE A 1089 14.47 -12.06 -9.27
N LEU A 1090 15.19 -10.97 -9.50
CA LEU A 1090 16.60 -10.92 -9.12
C LEU A 1090 16.77 -10.98 -7.62
N TYR A 1091 15.90 -10.28 -6.87
CA TYR A 1091 15.97 -10.33 -5.42
C TYR A 1091 15.68 -11.73 -4.91
N LEU A 1092 14.71 -12.41 -5.50
CA LEU A 1092 14.38 -13.77 -5.08
C LEU A 1092 15.51 -14.74 -5.39
N SER A 1093 16.23 -14.54 -6.49
CA SER A 1093 17.31 -15.45 -6.85
C SER A 1093 18.53 -15.28 -5.98
N THR A 1094 18.89 -14.04 -5.64
CA THR A 1094 20.06 -13.83 -4.78
C THR A 1094 19.79 -14.30 -3.36
N LEU A 1095 18.56 -14.16 -2.88
CA LEU A 1095 18.23 -14.68 -1.55
C LEU A 1095 18.32 -16.20 -1.53
N ARG A 1096 17.91 -16.86 -2.61
CA ARG A 1096 18.08 -18.31 -2.71
C ARG A 1096 19.56 -18.68 -2.78
N TRP A 1097 20.36 -17.85 -3.45
CA TRP A 1097 21.80 -18.10 -3.49
C TRP A 1097 22.39 -18.10 -2.09
N PHE A 1098 22.03 -17.09 -1.27
CA PHE A 1098 22.61 -16.98 0.06
C PHE A 1098 22.21 -18.15 0.94
N GLN A 1099 20.92 -18.51 0.94
CA GLN A 1099 20.45 -19.58 1.81
C GLN A 1099 20.92 -20.95 1.36
N MET A 1100 21.38 -21.09 0.12
CA MET A 1100 21.97 -22.34 -0.31
C MET A 1100 23.44 -22.42 0.06
N ARG A 1101 24.17 -21.31 -0.07
CA ARG A 1101 25.59 -21.31 0.28
C ARG A 1101 25.79 -21.41 1.79
N ILE A 1102 24.84 -20.89 2.57
CA ILE A 1102 24.97 -20.97 4.02
C ILE A 1102 24.89 -22.43 4.48
N GLU A 1103 24.12 -23.26 3.77
CA GLU A 1103 24.08 -24.68 4.07
C GLU A 1103 25.31 -25.40 3.53
N MET A 1104 25.82 -24.96 2.38
CA MET A 1104 27.00 -25.58 1.79
C MET A 1104 28.23 -25.36 2.63
N ILE A 1105 28.35 -24.21 3.29
CA ILE A 1105 29.44 -23.98 4.23
C ILE A 1105 29.34 -24.93 5.41
N PHE A 1106 28.11 -25.18 5.89
CA PHE A 1106 27.92 -26.14 6.97
C PHE A 1106 28.35 -27.54 6.57
N VAL A 1107 28.01 -27.95 5.34
CA VAL A 1107 28.29 -29.32 4.92
C VAL A 1107 29.78 -29.56 4.75
N ILE A 1108 30.50 -28.58 4.19
CA ILE A 1108 31.92 -28.77 3.96
C ILE A 1108 32.68 -28.91 5.28
N PHE A 1109 32.23 -28.22 6.33
CA PHE A 1109 32.83 -28.43 7.63
C PHE A 1109 32.45 -29.79 8.21
N PHE A 1110 31.25 -30.27 7.92
CA PHE A 1110 30.83 -31.56 8.45
C PHE A 1110 31.68 -32.69 7.88
N ILE A 1111 31.99 -32.63 6.58
CA ILE A 1111 32.81 -33.67 5.97
C ILE A 1111 34.22 -33.62 6.54
N ALA A 1112 34.74 -32.41 6.77
CA ALA A 1112 36.05 -32.28 7.40
C ALA A 1112 36.05 -32.86 8.81
N VAL A 1113 35.00 -32.58 9.57
CA VAL A 1113 34.93 -33.06 10.95
C VAL A 1113 34.77 -34.58 10.98
N THR A 1114 33.86 -35.12 10.17
CA THR A 1114 33.52 -36.54 10.25
C THR A 1114 34.73 -37.42 9.98
N PHE A 1115 35.47 -37.13 8.92
CA PHE A 1115 36.62 -37.97 8.59
C PHE A 1115 37.74 -37.83 9.62
N ILE A 1116 37.93 -36.64 10.19
CA ILE A 1116 38.91 -36.48 11.25
C ILE A 1116 38.50 -37.28 12.48
N SER A 1117 37.22 -37.19 12.87
CA SER A 1117 36.76 -37.85 14.09
C SER A 1117 36.90 -39.37 13.97
N ILE A 1118 36.59 -39.93 12.81
CA ILE A 1118 36.73 -41.37 12.61
C ILE A 1118 38.19 -41.77 12.61
N LEU A 1119 39.04 -41.00 11.94
CA LEU A 1119 40.45 -41.39 11.81
C LEU A 1119 41.21 -41.20 13.12
N THR A 1120 40.89 -40.14 13.88
CA THR A 1120 41.62 -39.89 15.12
C THR A 1120 41.28 -40.90 16.21
N THR A 1121 40.10 -41.52 16.15
CA THR A 1121 39.70 -42.52 17.13
C THR A 1121 40.63 -43.73 17.01
N GLY A 1122 41.48 -43.91 18.02
CA GLY A 1122 42.42 -45.02 18.01
C GLY A 1122 41.91 -46.24 18.75
N GLU A 1123 42.75 -46.80 19.62
CA GLU A 1123 42.37 -48.01 20.34
C GLU A 1123 41.19 -47.76 21.27
N GLY A 1124 41.14 -46.60 21.89
CA GLY A 1124 40.06 -46.29 22.81
C GLY A 1124 39.69 -44.82 22.75
N GLU A 1125 38.40 -44.55 22.97
CA GLU A 1125 37.87 -43.20 23.12
C GLU A 1125 38.17 -42.32 21.91
N GLY A 1126 39.08 -41.38 22.09
CA GLY A 1126 39.36 -40.37 21.09
C GLY A 1126 38.70 -39.07 21.47
N ARG A 1127 39.48 -38.15 22.05
CA ARG A 1127 38.90 -36.91 22.53
C ARG A 1127 38.53 -35.98 21.38
N VAL A 1128 39.28 -36.04 20.27
CA VAL A 1128 39.01 -35.16 19.14
C VAL A 1128 37.64 -35.48 18.54
N GLY A 1129 37.30 -36.77 18.45
CA GLY A 1129 36.01 -37.14 17.90
C GLY A 1129 34.85 -36.62 18.72
N ILE A 1130 34.95 -36.71 20.05
CA ILE A 1130 33.87 -36.27 20.91
C ILE A 1130 33.69 -34.75 20.81
N ILE A 1131 34.80 -34.01 20.81
CA ILE A 1131 34.73 -32.56 20.83
C ILE A 1131 34.19 -32.02 19.51
N LEU A 1132 34.71 -32.52 18.39
CA LEU A 1132 34.34 -31.97 17.09
C LEU A 1132 32.89 -32.26 16.73
N THR A 1133 32.44 -33.51 16.94
CA THR A 1133 31.08 -33.87 16.55
C THR A 1133 30.04 -33.10 17.35
N LEU A 1134 30.30 -32.90 18.64
CA LEU A 1134 29.37 -32.13 19.46
C LEU A 1134 29.28 -30.69 19.00
N ALA A 1135 30.41 -30.11 18.57
CA ALA A 1135 30.41 -28.72 18.14
C ALA A 1135 29.51 -28.51 16.94
N MET A 1136 29.54 -29.42 15.96
CA MET A 1136 28.71 -29.28 14.78
C MET A 1136 27.23 -29.42 15.11
N ASN A 1137 26.88 -30.13 16.18
CA ASN A 1137 25.48 -30.19 16.58
C ASN A 1137 24.99 -28.85 17.09
N ILE A 1138 25.88 -28.05 17.70
CA ILE A 1138 25.51 -26.72 18.14
C ILE A 1138 25.27 -25.79 16.96
N MET A 1139 26.08 -25.94 15.91
CA MET A 1139 25.98 -25.06 14.75
C MET A 1139 24.74 -25.30 13.91
N SER A 1140 24.00 -26.38 14.15
CA SER A 1140 22.75 -26.58 13.45
C SER A 1140 21.75 -25.47 13.77
N THR A 1141 21.73 -25.02 15.02
CA THR A 1141 20.83 -23.94 15.41
C THR A 1141 21.32 -22.59 14.92
N LEU A 1142 22.64 -22.39 14.85
CA LEU A 1142 23.16 -21.12 14.38
C LEU A 1142 22.79 -20.86 12.92
N GLN A 1143 22.88 -21.90 12.08
CA GLN A 1143 22.44 -21.76 10.70
C GLN A 1143 20.99 -21.31 10.62
N TRP A 1144 20.15 -21.82 11.51
CA TRP A 1144 18.77 -21.34 11.60
C TRP A 1144 18.72 -19.90 12.05
N ALA A 1145 19.54 -19.53 13.03
CA ALA A 1145 19.49 -18.19 13.59
C ALA A 1145 19.99 -17.14 12.60
N VAL A 1146 20.99 -17.50 11.78
CA VAL A 1146 21.54 -16.54 10.82
C VAL A 1146 20.51 -16.21 9.75
N ASN A 1147 19.79 -17.23 9.26
CA ASN A 1147 18.76 -16.97 8.25
C ASN A 1147 17.60 -16.17 8.84
N SER A 1148 17.34 -16.32 10.14
CA SER A 1148 16.30 -15.53 10.77
C SER A 1148 16.68 -14.06 10.87
N SER A 1149 17.98 -13.76 10.93
CA SER A 1149 18.43 -12.38 11.05
C SER A 1149 18.28 -11.60 9.75
N ILE A 1150 18.20 -12.28 8.61
CA ILE A 1150 17.98 -11.59 7.35
C ILE A 1150 16.64 -10.87 7.35
N ASP A 1151 15.60 -11.54 7.84
CA ASP A 1151 14.26 -10.94 7.84
C ASP A 1151 14.22 -9.71 8.75
N VAL A 1152 14.89 -9.77 9.90
CA VAL A 1152 14.91 -8.62 10.80
C VAL A 1152 15.55 -7.42 10.14
N ASP A 1153 16.67 -7.65 9.43
CA ASP A 1153 17.33 -6.55 8.73
C ASP A 1153 16.45 -5.99 7.63
N SER A 1154 15.74 -6.85 6.91
CA SER A 1154 14.83 -6.37 5.86
C SER A 1154 13.71 -5.53 6.45
N LEU A 1155 13.18 -5.93 7.60
CA LEU A 1155 12.08 -5.20 8.22
C LEU A 1155 12.53 -3.87 8.80
N MET A 1156 13.78 -3.77 9.25
CA MET A 1156 14.24 -2.52 9.82
C MET A 1156 14.40 -1.42 8.77
N ARG A 1157 14.38 -1.76 7.49
CA ARG A 1157 14.32 -0.71 6.47
C ARG A 1157 13.02 0.07 6.59
N SER A 1158 11.94 -0.60 6.96
CA SER A 1158 10.67 0.09 7.18
C SER A 1158 10.75 1.02 8.38
N VAL A 1159 11.46 0.63 9.43
CA VAL A 1159 11.61 1.48 10.60
C VAL A 1159 12.37 2.77 10.23
N SER A 1160 13.39 2.64 9.39
CA SER A 1160 14.15 3.82 8.98
C SER A 1160 13.28 4.78 8.18
N ARG A 1161 12.39 4.25 7.33
CA ARG A 1161 11.49 5.11 6.58
C ARG A 1161 10.50 5.83 7.49
N VAL A 1162 10.10 5.21 8.60
CA VAL A 1162 9.20 5.86 9.54
C VAL A 1162 9.91 7.00 10.26
N PHE A 1163 11.20 6.80 10.59
CA PHE A 1163 11.91 7.78 11.41
C PHE A 1163 12.18 9.07 10.65
N LYS A 1164 12.46 8.98 9.35
CA LYS A 1164 12.81 10.19 8.60
C LYS A 1164 11.62 11.11 8.40
N PHE A 1165 10.39 10.59 8.46
CA PHE A 1165 9.21 11.46 8.43
C PHE A 1165 9.08 12.25 9.72
N ILE A 1166 9.55 11.70 10.84
CA ILE A 1166 9.45 12.42 12.11
C ILE A 1166 10.41 13.60 12.14
N ASP A 1167 11.55 13.50 11.45
CA ASP A 1167 12.61 14.49 11.53
C ASP A 1167 12.40 15.67 10.58
N MET A 1168 11.17 15.87 10.08
CA MET A 1168 10.91 17.01 9.21
C MET A 1168 11.01 18.32 10.00
N PRO A 1169 11.37 19.41 9.33
CA PRO A 1169 11.39 20.71 10.02
C PRO A 1169 9.99 21.15 10.43
N THR A 1170 9.94 22.00 11.44
CA THR A 1170 8.67 22.50 11.97
C THR A 1170 8.26 23.80 11.28
N GLU A 1171 7.05 24.25 11.61
CA GLU A 1171 6.54 25.52 11.11
C GLU A 1171 7.28 26.69 11.76
N GLY A 1172 7.10 27.87 11.17
CA GLY A 1172 7.71 29.08 11.69
C GLY A 1172 7.03 29.61 12.93
N ILE A 1202 -8.79 42.84 21.45
CA ILE A 1202 -9.11 42.38 20.10
C ILE A 1202 -8.07 42.92 19.11
N TRP A 1203 -7.19 42.02 18.67
CA TRP A 1203 -6.10 42.43 17.79
C TRP A 1203 -6.59 42.97 16.45
N PRO A 1204 -7.53 42.31 15.74
CA PRO A 1204 -8.07 42.95 14.53
C PRO A 1204 -9.03 44.07 14.89
N SER A 1205 -8.59 45.32 14.73
CA SER A 1205 -9.44 46.48 15.04
C SER A 1205 -10.34 46.80 13.85
N GLY A 1206 -9.74 47.15 12.72
CA GLY A 1206 -10.50 47.56 11.56
C GLY A 1206 -10.43 46.60 10.39
N GLY A 1207 -9.31 45.88 10.26
CA GLY A 1207 -9.10 45.01 9.12
C GLY A 1207 -8.38 45.62 7.95
N GLN A 1208 -7.55 46.65 8.18
CA GLN A 1208 -6.79 47.29 7.11
C GLN A 1208 -5.40 46.66 7.03
N MET A 1209 -5.18 45.82 6.03
CA MET A 1209 -3.88 45.22 5.81
C MET A 1209 -3.04 46.07 4.86
N THR A 1210 -1.72 46.02 5.06
CA THR A 1210 -0.77 46.71 4.20
C THR A 1210 0.32 45.73 3.80
N VAL A 1211 0.57 45.63 2.49
CA VAL A 1211 1.55 44.70 1.92
C VAL A 1211 2.71 45.52 1.39
N LYS A 1212 3.93 45.08 1.70
CA LYS A 1212 5.13 45.78 1.25
C LYS A 1212 6.20 44.77 0.85
N ASP A 1213 6.56 44.78 -0.43
CA ASP A 1213 7.67 43.98 -0.96
C ASP A 1213 7.49 42.48 -0.70
N LEU A 1214 6.36 41.95 -1.16
CA LEU A 1214 6.04 40.54 -0.98
C LEU A 1214 6.49 39.74 -2.19
N THR A 1215 7.31 38.71 -1.96
CA THR A 1215 7.77 37.78 -2.98
C THR A 1215 7.29 36.38 -2.63
N ALA A 1216 6.68 35.70 -3.59
CA ALA A 1216 6.08 34.40 -3.37
C ALA A 1216 6.66 33.35 -4.31
N LYS A 1217 6.83 32.14 -3.80
CA LYS A 1217 7.31 31.02 -4.60
C LYS A 1217 6.80 29.72 -3.99
N TYR A 1218 6.32 28.80 -4.83
CA TYR A 1218 5.76 27.56 -4.33
C TYR A 1218 6.85 26.62 -3.82
N THR A 1219 7.94 26.48 -4.58
CA THR A 1219 9.03 25.59 -4.25
C THR A 1219 10.31 26.38 -4.07
N GLU A 1220 11.26 25.80 -3.33
CA GLU A 1220 12.53 26.46 -3.10
C GLU A 1220 13.32 26.55 -4.39
N GLY A 1221 13.62 27.79 -4.82
CA GLY A 1221 14.47 28.01 -5.97
C GLY A 1221 13.84 27.73 -7.31
N GLY A 1222 12.53 27.46 -7.37
CA GLY A 1222 11.86 27.24 -8.63
C GLY A 1222 11.70 28.49 -9.48
N ASN A 1223 10.87 29.41 -9.02
CA ASN A 1223 10.58 30.65 -9.74
C ASN A 1223 10.10 31.69 -8.73
N ALA A 1224 9.55 32.79 -9.25
CA ALA A 1224 8.95 33.83 -8.42
C ALA A 1224 7.64 34.26 -9.10
N ILE A 1225 6.51 33.81 -8.56
CA ILE A 1225 5.22 34.11 -9.18
C ILE A 1225 4.89 35.59 -9.05
N LEU A 1226 5.09 36.15 -7.86
CA LEU A 1226 4.85 37.57 -7.59
C LEU A 1226 6.13 38.19 -7.03
N GLU A 1227 6.43 39.40 -7.49
CA GLU A 1227 7.70 40.06 -7.17
C GLU A 1227 7.43 41.47 -6.68
N ASN A 1228 7.91 41.78 -5.49
CA ASN A 1228 7.88 43.15 -4.94
C ASN A 1228 6.48 43.74 -4.93
N ILE A 1229 5.51 42.93 -4.47
CA ILE A 1229 4.12 43.37 -4.41
C ILE A 1229 3.96 44.45 -3.35
N SER A 1230 3.20 45.50 -3.69
CA SER A 1230 2.92 46.59 -2.76
C SER A 1230 1.51 47.11 -2.98
N PHE A 1231 0.68 47.06 -1.94
CA PHE A 1231 -0.66 47.64 -1.99
C PHE A 1231 -1.21 47.73 -0.57
N SER A 1232 -2.30 48.50 -0.44
CA SER A 1232 -2.97 48.68 0.84
C SER A 1232 -4.48 48.57 0.65
N ILE A 1233 -5.16 48.17 1.72
CA ILE A 1233 -6.60 47.95 1.72
C ILE A 1233 -7.21 48.81 2.82
N SER A 1234 -8.21 49.61 2.46
CA SER A 1234 -8.93 50.37 3.47
C SER A 1234 -9.76 49.43 4.34
N PRO A 1235 -9.92 49.74 5.63
CA PRO A 1235 -10.66 48.83 6.53
C PRO A 1235 -12.13 48.76 6.14
N GLY A 1236 -12.62 47.53 5.94
CA GLY A 1236 -14.01 47.29 5.60
C GLY A 1236 -14.36 47.38 4.14
N GLN A 1237 -13.40 47.67 3.27
CA GLN A 1237 -13.68 47.77 1.85
C GLN A 1237 -13.77 46.38 1.21
N ARG A 1238 -14.54 46.30 0.12
CA ARG A 1238 -14.67 45.07 -0.66
C ARG A 1238 -13.71 45.16 -1.84
N VAL A 1239 -12.66 44.34 -1.81
CA VAL A 1239 -11.58 44.40 -2.79
C VAL A 1239 -11.82 43.34 -3.85
N GLY A 1240 -12.05 43.79 -5.09
CA GLY A 1240 -12.13 42.85 -6.19
C GLY A 1240 -10.76 42.37 -6.63
N LEU A 1241 -10.71 41.16 -7.16
CA LEU A 1241 -9.47 40.55 -7.60
C LEU A 1241 -9.69 39.89 -8.94
N LEU A 1242 -8.91 40.30 -9.94
CA LEU A 1242 -9.08 39.83 -11.31
C LEU A 1242 -7.72 39.45 -11.89
N GLY A 1243 -7.76 38.91 -13.10
CA GLY A 1243 -6.55 38.52 -13.80
C GLY A 1243 -6.78 37.29 -14.63
N ARG A 1244 -5.87 37.08 -15.58
CA ARG A 1244 -5.96 35.93 -16.46
C ARG A 1244 -5.61 34.65 -15.70
N THR A 1245 -6.23 33.55 -16.11
CA THR A 1245 -5.95 32.26 -15.50
C THR A 1245 -4.47 31.91 -15.65
N GLY A 1246 -3.89 31.35 -14.59
CA GLY A 1246 -2.49 30.99 -14.63
C GLY A 1246 -1.54 32.15 -14.43
N SER A 1247 -1.99 33.22 -13.76
CA SER A 1247 -1.15 34.38 -13.51
C SER A 1247 -0.68 34.50 -12.08
N GLY A 1248 -1.34 33.83 -11.14
CA GLY A 1248 -1.00 33.96 -9.74
C GLY A 1248 -2.16 34.50 -8.92
N LYS A 1249 -3.37 34.37 -9.47
CA LYS A 1249 -4.57 34.84 -8.77
C LYS A 1249 -4.75 34.12 -7.45
N SER A 1250 -4.62 32.80 -7.44
CA SER A 1250 -4.77 32.02 -6.21
C SER A 1250 -3.49 31.96 -5.39
N THR A 1251 -2.34 32.29 -5.99
CA THR A 1251 -1.10 32.31 -5.21
C THR A 1251 -1.11 33.44 -4.20
N LEU A 1252 -1.71 34.58 -4.55
CA LEU A 1252 -1.76 35.70 -3.61
C LEU A 1252 -2.59 35.33 -2.38
N LEU A 1253 -3.70 34.63 -2.57
CA LEU A 1253 -4.53 34.25 -1.43
C LEU A 1253 -3.78 33.28 -0.51
N SER A 1254 -3.02 32.35 -1.07
CA SER A 1254 -2.22 31.45 -0.25
C SER A 1254 -1.08 32.18 0.45
N ALA A 1255 -0.50 33.18 -0.22
CA ALA A 1255 0.59 33.93 0.40
C ALA A 1255 0.12 34.77 1.58
N PHE A 1256 -1.16 35.11 1.65
CA PHE A 1256 -1.69 35.82 2.81
C PHE A 1256 -1.56 34.99 4.07
N LEU A 1257 -1.83 33.70 3.98
CA LEU A 1257 -1.68 32.77 5.09
C LEU A 1257 -0.26 32.22 5.18
N ARG A 1258 0.64 32.68 4.30
CA ARG A 1258 1.99 32.14 4.13
C ARG A 1258 2.00 30.62 4.21
N LEU A 1259 1.17 30.02 3.37
CA LEU A 1259 1.17 28.57 3.14
C LEU A 1259 2.19 28.15 2.11
N LEU A 1260 3.15 29.02 1.80
CA LEU A 1260 4.24 28.74 0.87
C LEU A 1260 5.37 29.72 1.15
N ASN A 1261 6.56 29.36 0.70
CA ASN A 1261 7.77 30.10 1.03
C ASN A 1261 7.69 31.55 0.56
N THR A 1262 7.65 32.50 1.50
CA THR A 1262 7.48 33.91 1.17
C THR A 1262 8.48 34.75 1.95
N GLU A 1263 8.82 35.91 1.38
CA GLU A 1263 9.61 36.92 2.04
C GLU A 1263 8.93 38.27 1.88
N GLY A 1264 9.17 39.16 2.84
CA GLY A 1264 8.54 40.46 2.83
C GLY A 1264 7.80 40.76 4.11
N GLU A 1265 6.95 41.79 4.10
CA GLU A 1265 6.22 42.20 5.29
C GLU A 1265 4.78 42.48 4.95
N ILE A 1266 3.87 41.80 5.65
CA ILE A 1266 2.43 42.05 5.56
C ILE A 1266 1.98 42.44 6.96
N GLN A 1267 1.53 43.68 7.12
CA GLN A 1267 1.09 44.18 8.41
C GLN A 1267 -0.43 44.36 8.40
N ILE A 1268 -1.07 43.98 9.51
CA ILE A 1268 -2.49 44.19 9.71
C ILE A 1268 -2.65 45.11 10.90
N ASP A 1269 -3.13 46.33 10.65
CA ASP A 1269 -3.29 47.36 11.69
C ASP A 1269 -2.00 47.58 12.47
N GLY A 1270 -0.88 47.61 11.75
CA GLY A 1270 0.40 47.94 12.34
C GLY A 1270 1.19 46.76 12.86
N VAL A 1271 0.55 45.62 13.12
CA VAL A 1271 1.24 44.45 13.65
C VAL A 1271 1.92 43.74 12.49
N SER A 1272 3.25 43.68 12.53
CA SER A 1272 4.01 43.16 11.40
C SER A 1272 3.82 41.65 11.25
N TRP A 1273 4.30 41.14 10.12
CA TRP A 1273 4.09 39.74 9.75
C TRP A 1273 4.70 38.78 10.76
N ASP A 1274 5.73 39.20 11.48
CA ASP A 1274 6.48 38.31 12.35
C ASP A 1274 6.62 38.88 13.76
N SER A 1275 5.58 39.58 14.22
CA SER A 1275 5.53 40.03 15.61
C SER A 1275 4.73 39.10 16.52
N ILE A 1276 3.97 38.17 15.94
CA ILE A 1276 3.13 37.24 16.70
C ILE A 1276 3.29 35.84 16.14
N THR A 1277 2.93 34.86 16.95
CA THR A 1277 3.03 33.46 16.52
C THR A 1277 2.08 33.19 15.37
N LEU A 1278 2.42 32.17 14.57
CA LEU A 1278 1.65 31.89 13.36
C LEU A 1278 0.21 31.51 13.67
N GLN A 1279 -0.03 30.89 14.83
CA GLN A 1279 -1.39 30.42 15.13
C GLN A 1279 -2.38 31.56 15.21
N GLN A 1280 -2.00 32.68 15.85
CA GLN A 1280 -2.89 33.82 15.92
C GLN A 1280 -3.12 34.43 14.55
N TRP A 1281 -2.08 34.46 13.71
CA TRP A 1281 -2.16 35.13 12.42
C TRP A 1281 -3.23 34.49 11.53
N ARG A 1282 -3.25 33.16 11.46
CA ARG A 1282 -4.18 32.46 10.57
C ARG A 1282 -5.60 32.46 11.08
N LYS A 1283 -5.82 32.70 12.37
CA LYS A 1283 -7.17 32.65 12.94
C LYS A 1283 -8.06 33.78 12.45
N ALA A 1284 -7.49 34.81 11.83
CA ALA A 1284 -8.24 36.00 11.42
C ALA A 1284 -8.72 35.95 9.98
N PHE A 1285 -8.60 34.81 9.30
CA PHE A 1285 -8.94 34.68 7.89
C PHE A 1285 -10.03 33.65 7.70
N GLY A 1286 -11.15 34.06 7.11
CA GLY A 1286 -12.25 33.16 6.77
C GLY A 1286 -12.19 32.59 5.36
N VAL A 1287 -11.16 31.80 5.05
CA VAL A 1287 -10.97 31.32 3.69
C VAL A 1287 -12.10 30.38 3.28
N ILE A 1288 -12.52 30.49 2.02
CA ILE A 1288 -13.52 29.60 1.44
C ILE A 1288 -12.94 29.00 0.16
N PRO A 1289 -12.32 27.83 0.23
CA PRO A 1289 -11.65 27.27 -0.95
C PRO A 1289 -12.64 26.80 -2.01
N GLN A 1290 -12.09 26.53 -3.20
CA GLN A 1290 -12.89 25.92 -4.26
C GLN A 1290 -13.40 24.54 -3.85
N LYS A 1291 -12.56 23.75 -3.17
CA LYS A 1291 -12.93 22.42 -2.70
C LYS A 1291 -13.04 22.46 -1.19
N VAL A 1292 -14.28 22.49 -0.69
CA VAL A 1292 -14.52 22.57 0.75
C VAL A 1292 -14.18 21.24 1.40
N PHE A 1293 -13.38 21.30 2.46
CA PHE A 1293 -12.94 20.10 3.17
C PHE A 1293 -14.04 19.62 4.11
N ILE A 1294 -14.67 18.49 3.77
CA ILE A 1294 -15.69 17.86 4.60
C ILE A 1294 -15.30 16.40 4.78
N PHE A 1295 -14.97 16.02 6.02
CA PHE A 1295 -14.59 14.65 6.31
C PHE A 1295 -15.81 13.82 6.71
N SER A 1296 -15.65 12.50 6.66
CA SER A 1296 -16.74 11.58 6.95
C SER A 1296 -17.02 11.52 8.44
N GLY A 1297 -17.86 12.42 8.94
CA GLY A 1297 -18.16 12.48 10.36
C GLY A 1297 -19.49 13.16 10.58
N THR A 1298 -19.82 13.31 11.87
CA THR A 1298 -21.10 13.88 12.25
C THR A 1298 -21.20 15.32 11.76
N PHE A 1299 -22.44 15.78 11.56
CA PHE A 1299 -22.66 17.15 11.10
C PHE A 1299 -22.14 18.16 12.10
N ARG A 1300 -22.36 17.91 13.40
CA ARG A 1300 -21.85 18.83 14.41
C ARG A 1300 -20.33 18.81 14.45
N LYS A 1301 -19.72 17.66 14.17
CA LYS A 1301 -18.26 17.55 14.22
C LYS A 1301 -17.61 18.36 13.11
N ASN A 1302 -18.25 18.43 11.94
CA ASN A 1302 -17.68 19.21 10.84
C ASN A 1302 -17.72 20.70 11.13
N LEU A 1303 -18.79 21.17 11.78
CA LEU A 1303 -18.90 22.59 12.08
C LEU A 1303 -17.83 23.05 13.06
N ASP A 1304 -17.50 22.23 14.05
CA ASP A 1304 -16.45 22.58 15.01
C ASP A 1304 -15.85 21.33 15.64
N PRO A 1305 -14.76 20.80 15.10
CA PRO A 1305 -14.13 19.61 15.72
C PRO A 1305 -13.70 19.84 17.16
N TYR A 1306 -13.31 21.07 17.51
CA TYR A 1306 -12.90 21.35 18.89
C TYR A 1306 -14.07 21.31 19.87
N GLU A 1307 -15.30 21.28 19.37
CA GLU A 1307 -16.50 21.24 20.21
C GLU A 1307 -16.56 22.43 21.16
N GLN A 1308 -16.42 23.62 20.58
CA GLN A 1308 -16.39 24.83 21.39
C GLN A 1308 -17.78 25.37 21.70
N TRP A 1309 -18.76 25.15 20.82
CA TRP A 1309 -20.05 25.80 20.90
C TRP A 1309 -21.15 24.77 21.15
N SER A 1310 -22.15 25.18 21.94
CA SER A 1310 -23.29 24.34 22.27
C SER A 1310 -24.26 24.26 21.09
N ASP A 1311 -25.30 23.44 21.25
CA ASP A 1311 -26.31 23.32 20.21
C ASP A 1311 -27.03 24.66 19.98
N GLN A 1312 -27.49 25.30 21.06
CA GLN A 1312 -28.26 26.52 20.91
C GLN A 1312 -27.42 27.64 20.28
N GLU A 1313 -26.10 27.59 20.46
CA GLU A 1313 -25.22 28.56 19.81
C GLU A 1313 -25.01 28.22 18.35
N ILE A 1314 -24.95 26.92 18.02
CA ILE A 1314 -24.83 26.53 16.61
C ILE A 1314 -26.11 26.84 15.86
N TRP A 1315 -27.27 26.61 16.48
CA TRP A 1315 -28.53 26.94 15.82
C TRP A 1315 -28.64 28.43 15.57
N LYS A 1316 -28.12 29.24 16.49
CA LYS A 1316 -28.18 30.69 16.33
C LYS A 1316 -27.41 31.12 15.08
N VAL A 1317 -26.23 30.56 14.86
CA VAL A 1317 -25.45 30.89 13.66
C VAL A 1317 -26.15 30.39 12.41
N ALA A 1318 -26.74 29.20 12.46
CA ALA A 1318 -27.42 28.67 11.29
C ALA A 1318 -28.64 29.48 10.89
N ASP A 1319 -29.16 30.31 11.81
CA ASP A 1319 -30.36 31.10 11.48
C ASP A 1319 -30.09 32.15 10.42
N GLU A 1320 -28.88 32.71 10.37
CA GLU A 1320 -28.56 33.75 9.41
C GLU A 1320 -28.12 33.20 8.06
N VAL A 1321 -27.39 32.08 8.07
CA VAL A 1321 -26.83 31.55 6.84
C VAL A 1321 -27.78 30.65 6.08
N GLY A 1322 -28.98 30.41 6.59
CA GLY A 1322 -29.95 29.60 5.89
C GLY A 1322 -29.67 28.12 5.87
N LEU A 1323 -28.97 27.60 6.88
CA LEU A 1323 -28.69 26.17 6.99
C LEU A 1323 -29.80 25.39 7.69
N ARG A 1324 -30.86 26.05 8.15
CA ARG A 1324 -31.91 25.35 8.88
C ARG A 1324 -32.60 24.31 8.01
N SER A 1325 -33.19 24.74 6.89
CA SER A 1325 -33.88 23.81 6.01
C SER A 1325 -32.91 22.82 5.36
N VAL A 1326 -31.65 23.23 5.20
CA VAL A 1326 -30.67 22.35 4.57
C VAL A 1326 -30.44 21.10 5.43
N ILE A 1327 -30.32 21.29 6.74
CA ILE A 1327 -29.96 20.18 7.62
C ILE A 1327 -31.19 19.37 8.03
N GLU A 1328 -32.38 19.99 8.04
CA GLU A 1328 -33.57 19.26 8.46
C GLU A 1328 -34.01 18.21 7.43
N GLN A 1329 -33.54 18.32 6.19
CA GLN A 1329 -33.89 17.31 5.19
C GLN A 1329 -33.43 15.93 5.60
N PHE A 1330 -32.29 15.85 6.26
CA PHE A 1330 -31.77 14.57 6.72
C PHE A 1330 -32.56 14.06 7.92
N PRO A 1331 -32.56 12.75 8.13
CA PRO A 1331 -33.29 12.21 9.31
C PRO A 1331 -32.84 12.80 10.63
N GLY A 1332 -31.53 13.02 10.81
CA GLY A 1332 -30.99 13.49 12.07
C GLY A 1332 -30.56 14.94 12.00
N LYS A 1333 -30.86 15.68 13.06
CA LYS A 1333 -30.43 17.06 13.19
C LYS A 1333 -29.12 17.11 13.95
N LEU A 1334 -28.06 17.60 13.29
CA LEU A 1334 -26.72 17.66 13.83
C LEU A 1334 -26.15 16.27 14.15
N ASP A 1335 -26.87 15.22 13.75
CA ASP A 1335 -26.43 13.86 14.01
C ASP A 1335 -26.31 12.99 12.76
N PHE A 1336 -26.58 13.55 11.58
CA PHE A 1336 -26.42 12.79 10.34
C PHE A 1336 -24.94 12.53 10.07
N VAL A 1337 -24.64 11.31 9.62
CA VAL A 1337 -23.27 10.91 9.33
C VAL A 1337 -23.03 11.10 7.83
N LEU A 1338 -22.31 12.18 7.49
CA LEU A 1338 -21.89 12.39 6.11
C LEU A 1338 -20.80 11.40 5.73
N VAL A 1339 -20.80 10.99 4.46
CA VAL A 1339 -19.83 10.03 3.93
C VAL A 1339 -19.36 10.49 2.56
N ASP A 1340 -18.15 10.05 2.21
CA ASP A 1340 -17.59 10.25 0.87
C ASP A 1340 -17.54 11.72 0.50
N GLY A 1341 -16.89 12.51 1.36
CA GLY A 1341 -16.72 13.92 1.07
C GLY A 1341 -18.00 14.72 1.08
N GLY A 1342 -19.05 14.21 1.74
CA GLY A 1342 -20.32 14.88 1.72
C GLY A 1342 -20.95 14.83 0.34
N CYS A 1343 -20.93 13.65 -0.28
CA CYS A 1343 -21.45 13.50 -1.64
C CYS A 1343 -22.91 13.89 -1.75
N VAL A 1344 -23.68 13.67 -0.68
CA VAL A 1344 -25.11 13.99 -0.73
C VAL A 1344 -25.32 15.49 -0.82
N LEU A 1345 -24.48 16.29 -0.17
CA LEU A 1345 -24.63 17.73 -0.18
C LEU A 1345 -24.22 18.31 -1.52
N SER A 1346 -25.04 19.22 -2.06
CA SER A 1346 -24.75 19.86 -3.31
C SER A 1346 -23.64 20.89 -3.14
N HIS A 1347 -23.16 21.41 -4.28
CA HIS A 1347 -22.04 22.36 -4.26
C HIS A 1347 -22.40 23.62 -3.47
N GLY A 1348 -23.59 24.17 -3.69
CA GLY A 1348 -23.98 25.36 -2.98
C GLY A 1348 -24.16 25.13 -1.49
N HIS A 1349 -24.68 23.96 -1.13
CA HIS A 1349 -24.88 23.64 0.28
C HIS A 1349 -23.55 23.57 1.01
N LYS A 1350 -22.51 23.05 0.36
CA LYS A 1350 -21.19 23.04 0.99
C LYS A 1350 -20.61 24.44 1.11
N GLN A 1351 -20.90 25.32 0.16
CA GLN A 1351 -20.48 26.72 0.28
C GLN A 1351 -21.10 27.38 1.50
N LEU A 1352 -22.39 27.10 1.76
CA LEU A 1352 -23.03 27.63 2.94
C LEU A 1352 -22.42 27.06 4.21
N MET A 1353 -22.13 25.76 4.21
CA MET A 1353 -21.53 25.14 5.39
C MET A 1353 -20.16 25.73 5.68
N CYS A 1354 -19.37 25.96 4.63
CA CYS A 1354 -18.08 26.61 4.82
C CYS A 1354 -18.25 28.04 5.31
N LEU A 1355 -19.24 28.76 4.78
CA LEU A 1355 -19.47 30.13 5.22
C LEU A 1355 -19.84 30.18 6.70
N ALA A 1356 -20.72 29.28 7.14
CA ALA A 1356 -21.11 29.27 8.55
C ALA A 1356 -19.93 28.92 9.45
N ARG A 1357 -18.99 28.13 8.93
CA ARG A 1357 -17.83 27.72 9.73
C ARG A 1357 -16.96 28.92 10.10
N SER A 1358 -16.84 29.89 9.19
CA SER A 1358 -16.04 31.08 9.48
C SER A 1358 -16.76 31.99 10.46
N VAL A 1359 -18.10 31.95 10.48
CA VAL A 1359 -18.86 32.78 11.41
C VAL A 1359 -18.68 32.30 12.84
N LEU A 1360 -18.63 30.98 13.04
CA LEU A 1360 -18.43 30.43 14.37
C LEU A 1360 -17.09 30.87 14.96
N SER A 1361 -16.03 30.85 14.14
CA SER A 1361 -14.71 31.28 14.57
C SER A 1361 -14.54 32.80 14.54
N LYS A 1362 -15.51 33.54 14.02
CA LYS A 1362 -15.51 35.00 14.02
C LYS A 1362 -14.32 35.56 13.25
N ALA A 1363 -14.24 35.18 11.98
CA ALA A 1363 -13.20 35.71 11.09
C ALA A 1363 -13.43 37.19 10.82
N LYS A 1364 -12.38 37.86 10.38
CA LYS A 1364 -12.45 39.28 10.05
C LYS A 1364 -12.19 39.59 8.59
N ILE A 1365 -11.33 38.82 7.91
CA ILE A 1365 -10.96 39.07 6.52
C ILE A 1365 -11.26 37.81 5.73
N LEU A 1366 -12.20 37.89 4.81
CA LEU A 1366 -12.62 36.73 4.02
C LEU A 1366 -11.78 36.61 2.74
N LEU A 1367 -11.65 35.38 2.27
CA LEU A 1367 -10.89 35.08 1.05
C LEU A 1367 -11.70 34.12 0.19
N LEU A 1368 -12.43 34.65 -0.77
CA LEU A 1368 -13.20 33.82 -1.70
C LEU A 1368 -12.37 33.47 -2.92
N ASP A 1369 -12.74 32.37 -3.58
CA ASP A 1369 -11.98 31.92 -4.75
C ASP A 1369 -12.95 31.21 -5.70
N GLN A 1370 -13.43 31.96 -6.70
CA GLN A 1370 -14.24 31.43 -7.79
C GLN A 1370 -15.38 30.50 -7.35
N PRO A 1371 -16.30 30.98 -6.50
CA PRO A 1371 -17.44 30.12 -6.13
C PRO A 1371 -18.44 29.97 -7.26
N SER A 1372 -18.54 30.95 -8.16
CA SER A 1372 -19.56 31.00 -9.19
C SER A 1372 -19.14 30.22 -10.44
N ALA A 1373 -18.97 28.91 -10.26
CA ALA A 1373 -18.67 28.06 -11.40
C ALA A 1373 -19.93 27.53 -12.07
N HIS A 1374 -20.79 26.87 -11.31
CA HIS A 1374 -22.03 26.32 -11.84
C HIS A 1374 -23.19 26.53 -10.87
N LEU A 1375 -23.15 27.61 -10.11
CA LEU A 1375 -24.12 27.84 -9.06
C LEU A 1375 -25.49 28.15 -9.64
N ASP A 1376 -26.56 27.78 -8.87
CA ASP A 1376 -27.95 28.10 -9.12
C ASP A 1376 -28.38 29.30 -8.30
N PRO A 1377 -29.35 30.08 -8.78
CA PRO A 1377 -29.81 31.25 -8.03
C PRO A 1377 -30.42 30.93 -6.67
N VAL A 1378 -30.83 29.68 -6.44
CA VAL A 1378 -31.46 29.32 -5.18
C VAL A 1378 -30.50 29.54 -4.01
N THR A 1379 -29.25 29.13 -4.17
CA THR A 1379 -28.22 29.33 -3.14
C THR A 1379 -27.36 30.55 -3.40
N TYR A 1380 -27.26 30.98 -4.67
CA TYR A 1380 -26.41 32.12 -5.02
C TYR A 1380 -26.81 33.37 -4.25
N GLN A 1381 -28.11 33.57 -4.04
CA GLN A 1381 -28.58 34.78 -3.38
C GLN A 1381 -28.38 34.77 -1.86
N ILE A 1382 -28.14 33.60 -1.27
CA ILE A 1382 -27.93 33.54 0.17
C ILE A 1382 -26.59 34.15 0.56
N ILE A 1383 -25.54 33.89 -0.23
CA ILE A 1383 -24.24 34.50 0.04
C ILE A 1383 -24.32 36.00 -0.10
N ARG A 1384 -25.12 36.48 -1.05
CA ARG A 1384 -25.25 37.93 -1.26
C ARG A 1384 -25.73 38.63 0.02
N ARG A 1385 -26.69 38.02 0.73
CA ARG A 1385 -27.18 38.64 1.95
C ARG A 1385 -26.13 38.59 3.06
N THR A 1386 -25.50 37.43 3.25
CA THR A 1386 -24.62 37.24 4.40
C THR A 1386 -23.42 38.18 4.35
N LEU A 1387 -22.86 38.39 3.16
CA LEU A 1387 -21.75 39.33 3.02
C LEU A 1387 -22.19 40.77 3.27
N LYS A 1388 -23.49 41.03 3.34
CA LYS A 1388 -24.02 42.36 3.58
C LYS A 1388 -24.74 42.50 4.92
N GLN A 1389 -24.96 41.40 5.65
CA GLN A 1389 -25.65 41.42 6.92
C GLN A 1389 -24.74 41.07 8.08
N ALA A 1390 -24.07 39.92 8.02
CA ALA A 1390 -23.19 39.51 9.12
C ALA A 1390 -21.80 40.11 8.96
N PHE A 1391 -21.24 40.05 7.76
CA PHE A 1391 -19.92 40.61 7.46
C PHE A 1391 -20.01 42.00 6.84
N ALA A 1392 -20.96 42.83 7.29
CA ALA A 1392 -21.12 44.16 6.72
C ALA A 1392 -19.85 44.99 6.86
N ASP A 1393 -19.19 44.91 8.02
CA ASP A 1393 -18.03 45.73 8.30
C ASP A 1393 -16.70 44.99 8.12
N CYS A 1394 -16.74 43.75 7.63
CA CYS A 1394 -15.54 42.96 7.43
C CYS A 1394 -15.08 43.03 5.97
N THR A 1395 -13.76 43.13 5.79
CA THR A 1395 -13.20 43.19 4.44
C THR A 1395 -13.35 41.84 3.74
N VAL A 1396 -13.80 41.88 2.48
CA VAL A 1396 -14.01 40.69 1.68
C VAL A 1396 -13.22 40.85 0.39
N ILE A 1397 -12.44 39.83 0.04
CA ILE A 1397 -11.72 39.79 -1.23
C ILE A 1397 -12.52 38.89 -2.16
N LEU A 1398 -13.40 39.50 -2.96
CA LEU A 1398 -14.22 38.79 -3.93
C LEU A 1398 -13.37 38.47 -5.15
N CYS A 1399 -13.19 37.19 -5.43
CA CYS A 1399 -12.36 36.72 -6.54
C CYS A 1399 -13.29 36.15 -7.60
N GLU A 1400 -13.66 36.98 -8.58
CA GLU A 1400 -14.59 36.61 -9.63
C GLU A 1400 -13.91 36.69 -10.99
N HIS A 1401 -14.61 36.20 -12.01
CA HIS A 1401 -14.11 36.18 -13.37
C HIS A 1401 -14.89 37.08 -14.32
N ARG A 1402 -15.95 37.73 -13.85
CA ARG A 1402 -16.77 38.58 -14.70
C ARG A 1402 -17.15 39.84 -13.93
N ILE A 1403 -17.29 40.94 -14.66
CA ILE A 1403 -17.61 42.22 -14.04
C ILE A 1403 -19.09 42.32 -13.67
N GLU A 1404 -19.96 41.56 -14.34
CA GLU A 1404 -21.38 41.63 -14.05
C GLU A 1404 -21.69 41.26 -12.61
N ALA A 1405 -20.99 40.25 -12.08
CA ALA A 1405 -21.17 39.88 -10.68
C ALA A 1405 -20.53 40.89 -9.74
N MET A 1406 -19.44 41.53 -10.18
CA MET A 1406 -18.67 42.43 -9.31
C MET A 1406 -19.25 43.84 -9.37
N LEU A 1407 -20.43 43.97 -8.76
CA LEU A 1407 -21.12 45.27 -8.67
C LEU A 1407 -21.23 45.74 -7.22
N GLU A 1408 -20.42 45.20 -6.32
CA GLU A 1408 -20.39 45.63 -4.92
C GLU A 1408 -18.98 45.96 -4.46
N CYS A 1409 -18.05 46.16 -5.38
CA CYS A 1409 -16.65 46.41 -5.05
C CYS A 1409 -16.28 47.85 -5.37
N GLN A 1410 -15.32 48.37 -4.60
CA GLN A 1410 -14.71 49.68 -4.85
C GLN A 1410 -13.31 49.57 -5.42
N GLN A 1411 -12.46 48.77 -4.79
CA GLN A 1411 -11.07 48.63 -5.20
C GLN A 1411 -10.88 47.35 -6.00
N PHE A 1412 -10.03 47.42 -7.04
CA PHE A 1412 -9.78 46.29 -7.92
C PHE A 1412 -8.29 46.00 -7.97
N LEU A 1413 -7.93 44.74 -7.77
CA LEU A 1413 -6.56 44.28 -7.94
C LEU A 1413 -6.47 43.46 -9.21
N VAL A 1414 -5.49 43.77 -10.05
CA VAL A 1414 -5.27 43.07 -11.32
C VAL A 1414 -3.87 42.49 -11.31
N ILE A 1415 -3.77 41.19 -11.61
CA ILE A 1415 -2.50 40.48 -11.63
C ILE A 1415 -2.13 40.20 -13.08
N GLU A 1416 -0.92 40.62 -13.47
CA GLU A 1416 -0.43 40.40 -14.82
C GLU A 1416 1.06 40.68 -14.87
N GLU A 1417 1.79 39.89 -15.66
CA GLU A 1417 3.25 39.93 -15.79
C GLU A 1417 3.93 40.14 -14.44
N ASN A 1418 3.54 39.32 -13.46
CA ASN A 1418 4.17 39.28 -12.14
C ASN A 1418 4.08 40.63 -11.42
N LYS A 1419 2.92 41.25 -11.49
CA LYS A 1419 2.72 42.59 -10.92
C LYS A 1419 1.30 42.74 -10.42
N VAL A 1420 1.15 43.41 -9.28
CA VAL A 1420 -0.16 43.76 -8.72
C VAL A 1420 -0.32 45.28 -8.80
N ARG A 1421 -1.48 45.72 -9.28
CA ARG A 1421 -1.78 47.15 -9.42
C ARG A 1421 -3.21 47.40 -8.97
N GLN A 1422 -3.38 48.27 -7.97
CA GLN A 1422 -4.69 48.57 -7.44
C GLN A 1422 -5.41 49.59 -8.31
N TYR A 1423 -6.73 49.64 -8.17
CA TYR A 1423 -7.56 50.53 -8.97
C TYR A 1423 -8.71 51.07 -8.14
N ASP A 1424 -9.56 51.87 -8.79
CA ASP A 1424 -10.70 52.54 -8.17
C ASP A 1424 -11.96 52.30 -8.97
N SER A 1425 -12.98 53.12 -8.72
CA SER A 1425 -14.31 52.96 -9.31
C SER A 1425 -14.25 52.66 -10.81
N ILE A 1426 -15.33 52.07 -11.32
CA ILE A 1426 -15.39 51.46 -12.63
C ILE A 1426 -14.94 52.40 -13.75
N GLN A 1427 -15.09 53.71 -13.57
CA GLN A 1427 -14.64 54.66 -14.59
C GLN A 1427 -13.13 54.58 -14.73
N LYS A 1428 -12.66 53.99 -15.82
CA LYS A 1428 -11.24 53.77 -16.03
C LYS A 1428 -10.93 53.56 -17.51
MG MG B . -23.02 17.97 -14.88
MG MG C . -6.73 30.08 -9.44
PG ATP D . -24.55 19.96 -13.11
O1G ATP D . -24.68 20.99 -14.16
O2G ATP D . -24.60 20.54 -11.71
O3G ATP D . -23.28 19.13 -13.26
PB ATP D . -26.59 18.38 -14.43
O1B ATP D . -27.62 19.31 -14.87
O2B ATP D . -25.55 17.98 -15.48
O3B ATP D . -25.77 18.93 -13.18
PA ATP D . -26.53 15.83 -13.00
O1A ATP D . -26.59 14.90 -14.13
O2A ATP D . -25.03 15.61 -13.45
O3A ATP D . -27.20 17.02 -13.85
O5' ATP D . -27.45 14.54 -12.61
C5' ATP D . -28.87 14.60 -12.75
C4' ATP D . -29.53 13.78 -11.65
O4' ATP D . -29.01 12.44 -11.68
C3' ATP D . -29.32 14.30 -10.23
O3' ATP D . -30.45 14.02 -9.42
C2' ATP D . -28.10 13.51 -9.77
O2' ATP D . -28.08 13.34 -8.36
C1' ATP D . -28.33 12.17 -10.45
N9 ATP D . -27.11 11.44 -10.76
C8 ATP D . -26.10 11.83 -11.61
N7 ATP D . -25.13 10.97 -11.71
C5 ATP D . -25.50 9.94 -10.86
C6 ATP D . -24.89 8.72 -10.51
N6 ATP D . -23.72 8.30 -11.00
N1 ATP D . -25.53 7.91 -9.64
C2 ATP D . -26.71 8.32 -9.14
N3 ATP D . -27.38 9.44 -9.40
C4 ATP D . -26.73 10.22 -10.26
PG ATP E . -7.29 29.99 -12.23
O1G ATP E . -7.79 31.35 -12.53
O2G ATP E . -7.24 29.10 -13.47
O3G ATP E . -8.11 29.29 -11.15
PB ATP E . -4.98 31.28 -11.06
O1B ATP E . -5.18 32.50 -11.82
O2B ATP E . -5.32 31.33 -9.58
O3B ATP E . -5.79 30.06 -11.68
PA ATP E . -2.79 29.49 -10.45
O1A ATP E . -2.08 30.35 -9.49
O2A ATP E . -3.48 29.23 -9.06
O3A ATP E . -3.47 30.74 -11.17
O5' ATP E . -1.18 29.26 -10.62
C5' ATP E . -0.36 30.24 -11.29
C4' ATP E . 0.99 29.65 -11.55
O4' ATP E . 1.44 28.92 -10.38
C3' ATP E . 1.09 28.67 -12.72
O3' ATP E . 2.29 28.86 -13.46
C2' ATP E . 1.04 27.30 -12.05
O2' ATP E . 1.78 26.34 -12.79
C1' ATP E . 1.75 27.58 -10.73
N9 ATP E . 1.33 26.72 -9.64
C8 ATP E . 0.05 26.55 -9.17
N7 ATP E . -0.06 25.68 -8.19
C5 ATP E . 1.25 25.24 -8.00
C6 ATP E . 1.82 24.32 -7.10
N6 ATP E . 1.12 23.62 -6.21
N1 ATP E . 3.15 24.13 -7.17
C2 ATP E . 3.86 24.81 -8.07
N3 ATP E . 3.44 25.70 -8.96
C4 ATP E . 2.11 25.88 -8.88
C1 CLR F . 10.45 -53.94 11.02
C2 CLR F . 11.09 -54.87 12.04
C3 CLR F . 12.43 -54.33 12.49
C4 CLR F . 12.26 -52.95 13.08
C5 CLR F . 11.53 -52.01 12.15
C6 CLR F . 12.01 -50.80 11.89
C7 CLR F . 11.37 -49.80 10.99
C8 CLR F . 9.91 -50.12 10.72
C9 CLR F . 9.75 -51.60 10.39
C10 CLR F . 10.22 -52.52 11.57
C11 CLR F . 8.35 -51.96 9.88
C12 CLR F . 7.85 -51.01 8.78
C13 CLR F . 7.89 -49.55 9.22
C14 CLR F . 9.37 -49.27 9.57
C15 CLR F . 9.43 -47.74 9.68
C16 CLR F . 8.37 -47.23 8.69
C17 CLR F . 7.66 -48.48 8.13
C18 CLR F . 6.97 -49.32 10.42
C19 CLR F . 9.17 -52.57 12.70
C20 CLR F . 6.23 -48.16 7.67
C21 CLR F . 5.59 -49.29 6.86
C22 CLR F . 6.17 -46.84 6.89
C23 CLR F . 6.82 -46.86 5.51
C24 CLR F . 7.02 -45.49 4.88
C25 CLR F . 5.78 -44.74 4.40
C26 CLR F . 4.78 -45.61 3.67
C27 CLR F . 5.12 -43.86 5.44
O1 CLR F . 13.02 -55.21 13.45
N1 WJX G . 31.54 -21.72 -2.22
C4 WJX G . 32.77 -18.61 -2.96
C5 WJX G . 31.32 -20.69 -3.06
C6 WJX G . 30.87 -20.85 -4.38
C7 WJX G . 30.68 -22.14 -4.84
C8 WJX G . 30.89 -23.22 -3.99
C10 WJX G . 31.77 -23.87 -0.43
C1 WJX G . 32.45 -17.22 -2.42
C2 WJX G . 31.43 -17.49 -1.30
C3 WJX G . 31.27 -19.01 -1.18
O1 WJX G . 29.57 -18.94 -4.94
C9 WJX G . 31.31 -22.95 -2.70
C11 WJX G . 31.70 -25.11 0.11
N2 WJX G . 31.43 -23.98 -1.74
N WJX G . 31.62 -19.43 -2.58
C WJX G . 31.95 -16.25 -3.47
O WJX G . 31.09 -27.31 -0.92
C12 WJX G . 31.31 -25.98 -0.95
C13 WJX G . 31.71 -28.09 -1.96
C14 WJX G . 31.11 -29.50 -1.99
C15 WJX G . 31.38 -30.16 -0.63
C16 WJX G . 31.85 -30.30 -3.07
C17 WJX G . 29.63 -29.43 -2.28
C18 WJX G . 30.51 -19.68 -5.25
C19 WJX G . 30.42 -17.38 -7.28
C20 WJX G . 29.39 -16.51 -7.07
C21 WJX G . 31.60 -16.67 -6.97
C22 WJX G . 33.03 -17.11 -7.03
C23 WJX G . 29.29 -14.13 -6.27
C24 WJX G . 32.24 -19.60 -0.16
C25 WJX G . 29.86 -19.42 -0.81
F WJX G . 29.09 -30.63 -2.42
F1 WJX G . 29.37 -28.75 -3.38
F2 WJX G . 28.96 -28.82 -1.29
N3 WJX G . 31.15 -25.27 -2.08
N4 WJX G . 30.91 -19.81 -6.55
N5 WJX G . 29.95 -15.37 -6.66
N6 WJX G . 31.31 -15.44 -6.60
O2 WJX G . 28.94 -19.23 -7.91
O3 WJX G . 31.20 -19.08 -8.89
S WJX G . 30.32 -18.91 -7.78
#